data_3EPK
#
_entry.id   3EPK
#
_cell.length_a   161.854
_cell.length_b   209.844
_cell.length_c   125.501
_cell.angle_alpha   90.000
_cell.angle_beta   90.000
_cell.angle_gamma   90.000
#
_symmetry.space_group_name_H-M   'C 2 2 21'
#
loop_
_entity.id
_entity.type
_entity.pdbx_description
1 polymer 'tRNA isopentenyltransferase'
2 polymer tRNA
3 non-polymer 'ZINC ION'
4 non-polymer 'MAGNESIUM ION'
5 non-polymer 'DIMETHYLALLYL S-THIOLODIPHOSPHATE'
6 non-polymer PYROPHOSPHATE
7 water water
#
loop_
_entity_poly.entity_id
_entity_poly.type
_entity_poly.pdbx_seq_one_letter_code
_entity_poly.pdbx_strand_id
1 'polypeptide(L)'
;SKKVIVIAGTTGVGKSQLSIQLAQKFNGEVINSDSMQVYKDIPIITNKHPLQEREGIPHHVMNHVDWSEEYYSHRFETEC
MNAIEDIHRRGKIPIVVGGTHYYLQTLFNKRVDTKSSERKLTRKQLDILESTDPDVIYNTLVKCDPDIATKYHPNDYRRV
QRMLEIYYKTGKKPSETFNEQKITLKFDTLFLWLYSKPEPLFQRLDDRVDDMLERGALQEIKQLYEYYSQNKFTPEQCEN
GVWQVIGFKEFLPWLTGKTDDNTVKLEDCIERMKTRTRQYAKRQVKWIKKMLIPDIKGDIYLLDATDLSQWDTNASQRAI
AISNDFISNRPIKQERAPKALEELLSKGETTMKKLDDWTHYTCNVCRNADGKNVVAIGEKYWKIHLGSRRHKSNLKRNTR
QADFEKWKI
;
A,B
2 'polyribonucleotide' CUCGUAUGGCGCAGUGGUAGCGCAGCAGAUUGCAAAUCUGUUGGUCCUUAGUUCGAUCCUGAGUGCGAG E,F
#
# COMPACT_ATOMS: atom_id res chain seq x y z
N SER A 1 -8.53 -11.75 -2.79
CA SER A 1 -9.48 -11.45 -3.90
C SER A 1 -8.83 -11.75 -5.24
N LYS A 2 -9.44 -11.28 -6.34
CA LYS A 2 -8.90 -11.48 -7.69
C LYS A 2 -7.50 -10.92 -7.84
N LYS A 3 -6.53 -11.79 -8.05
CA LYS A 3 -5.14 -11.37 -8.18
C LYS A 3 -4.83 -10.87 -9.60
N VAL A 4 -3.87 -9.96 -9.70
CA VAL A 4 -3.43 -9.41 -10.99
C VAL A 4 -1.95 -9.06 -10.91
N ILE A 5 -1.14 -9.71 -11.73
CA ILE A 5 0.30 -9.42 -11.70
C ILE A 5 0.67 -8.41 -12.80
N VAL A 6 1.62 -7.52 -12.52
CA VAL A 6 2.06 -6.50 -13.48
C VAL A 6 3.58 -6.45 -13.51
N ILE A 7 4.14 -6.64 -14.70
CA ILE A 7 5.59 -6.63 -14.89
C ILE A 7 5.99 -5.32 -15.53
N ALA A 8 6.77 -4.54 -14.80
CA ALA A 8 7.23 -3.26 -15.32
C ALA A 8 8.74 -3.27 -15.49
N GLY A 9 9.24 -2.29 -16.23
CA GLY A 9 10.68 -2.22 -16.42
C GLY A 9 11.00 -1.46 -17.68
N THR A 10 12.27 -1.07 -17.82
CA THR A 10 12.70 -0.34 -19.00
C THR A 10 12.67 -1.26 -20.22
N THR A 11 12.78 -0.68 -21.40
CA THR A 11 12.78 -1.46 -22.62
C THR A 11 14.04 -2.35 -22.73
N GLY A 12 13.85 -3.62 -23.04
CA GLY A 12 15.00 -4.49 -23.22
C GLY A 12 15.54 -5.10 -21.96
N VAL A 13 14.66 -5.37 -21.01
CA VAL A 13 15.08 -6.02 -19.77
C VAL A 13 14.55 -7.45 -19.74
N GLY A 14 13.67 -7.79 -20.67
CA GLY A 14 13.15 -9.15 -20.70
C GLY A 14 11.78 -9.30 -20.07
N LYS A 15 11.01 -8.23 -20.08
CA LYS A 15 9.69 -8.29 -19.49
C LYS A 15 8.83 -9.37 -20.11
N SER A 16 8.71 -9.35 -21.43
CA SER A 16 7.88 -10.34 -22.13
C SER A 16 8.34 -11.77 -21.84
N GLN A 17 9.65 -12.01 -21.93
CA GLN A 17 10.18 -13.34 -21.70
C GLN A 17 9.79 -13.83 -20.30
N LEU A 18 9.81 -12.92 -19.33
CA LEU A 18 9.43 -13.27 -17.99
C LEU A 18 7.93 -13.48 -17.90
N SER A 19 7.17 -12.60 -18.57
CA SER A 19 5.71 -12.66 -18.54
C SER A 19 5.20 -14.03 -18.94
N ILE A 20 5.89 -14.64 -19.90
CA ILE A 20 5.52 -15.96 -20.39
C ILE A 20 5.74 -17.00 -19.31
N GLN A 21 6.96 -17.04 -18.77
CA GLN A 21 7.30 -17.99 -17.72
C GLN A 21 6.25 -17.96 -16.61
N LEU A 22 5.98 -16.77 -16.10
CA LEU A 22 4.99 -16.66 -15.05
C LEU A 22 3.62 -17.11 -15.53
N ALA A 23 3.29 -16.77 -16.77
CA ALA A 23 1.99 -17.16 -17.34
C ALA A 23 1.77 -18.67 -17.32
N GLN A 24 2.79 -19.41 -17.74
CA GLN A 24 2.75 -20.87 -17.77
C GLN A 24 2.63 -21.38 -16.34
N LYS A 25 3.70 -21.18 -15.60
CA LYS A 25 3.79 -21.60 -14.22
C LYS A 25 2.54 -21.33 -13.37
N PHE A 26 1.92 -20.17 -13.54
CA PHE A 26 0.75 -19.80 -12.73
C PHE A 26 -0.58 -19.72 -13.46
N ASN A 27 -0.62 -20.27 -14.67
CA ASN A 27 -1.84 -20.28 -15.48
C ASN A 27 -2.40 -18.86 -15.65
N GLY A 28 -1.82 -18.13 -16.59
CA GLY A 28 -2.28 -16.78 -16.84
C GLY A 28 -2.16 -16.35 -18.29
N GLU A 29 -2.67 -15.17 -18.58
CA GLU A 29 -2.62 -14.63 -19.93
C GLU A 29 -2.03 -13.22 -19.90
N VAL A 30 -1.26 -12.91 -20.94
CA VAL A 30 -0.60 -11.62 -21.05
C VAL A 30 -1.53 -10.53 -21.58
N ILE A 31 -1.41 -9.34 -21.01
CA ILE A 31 -2.21 -8.20 -21.43
C ILE A 31 -1.19 -7.12 -21.72
N ASN A 32 -0.83 -6.96 -22.98
CA ASN A 32 0.15 -5.96 -23.37
C ASN A 32 -0.25 -4.55 -22.96
N SER A 33 0.73 -3.76 -22.54
CA SER A 33 0.49 -2.39 -22.14
C SER A 33 1.50 -1.47 -22.81
N ASP A 34 1.81 -1.78 -24.07
CA ASP A 34 2.76 -1.01 -24.83
C ASP A 34 2.07 -0.15 -25.88
N SER A 35 2.04 1.14 -25.61
CA SER A 35 1.41 2.11 -26.49
C SER A 35 1.70 1.92 -27.98
N MET A 36 2.77 1.24 -28.33
CA MET A 36 3.04 1.08 -29.75
C MET A 36 2.73 -0.32 -30.26
N GLN A 37 2.91 -1.33 -29.41
CA GLN A 37 2.64 -2.71 -29.82
C GLN A 37 1.19 -2.99 -30.06
N VAL A 38 0.35 -1.98 -29.86
CA VAL A 38 -1.08 -2.14 -30.06
C VAL A 38 -1.49 -1.92 -31.52
N TYR A 39 -0.52 -1.57 -32.35
CA TYR A 39 -0.80 -1.32 -33.76
C TYR A 39 -0.56 -2.54 -34.65
N LYS A 40 -1.34 -2.62 -35.73
CA LYS A 40 -1.27 -3.70 -36.70
C LYS A 40 0.15 -3.94 -37.21
N ASP A 41 0.50 -5.21 -37.41
CA ASP A 41 1.81 -5.60 -37.93
C ASP A 41 2.97 -4.83 -37.33
N ILE A 42 3.88 -4.36 -38.19
CA ILE A 42 5.06 -3.60 -37.78
C ILE A 42 5.66 -4.18 -36.49
N PRO A 43 6.03 -5.48 -36.50
CA PRO A 43 6.61 -6.17 -35.36
C PRO A 43 8.09 -5.94 -35.05
N ILE A 44 8.95 -6.12 -36.05
CA ILE A 44 10.39 -5.94 -35.81
C ILE A 44 10.77 -4.70 -35.00
N ILE A 45 10.45 -3.51 -35.53
CA ILE A 45 10.81 -2.25 -34.85
C ILE A 45 9.97 -1.98 -33.60
N THR A 46 8.70 -2.38 -33.63
CA THR A 46 7.84 -2.20 -32.47
C THR A 46 8.16 -3.32 -31.47
N ASN A 47 9.12 -4.15 -31.84
CA ASN A 47 9.59 -5.29 -31.04
C ASN A 47 8.51 -6.09 -30.31
N LYS A 48 7.75 -6.87 -31.05
CA LYS A 48 6.72 -7.68 -30.42
C LYS A 48 7.36 -9.02 -30.10
N HIS A 49 6.77 -9.76 -29.17
CA HIS A 49 7.30 -11.06 -28.79
C HIS A 49 6.78 -12.07 -29.79
N PRO A 50 7.69 -12.76 -30.50
CA PRO A 50 7.33 -13.78 -31.51
C PRO A 50 6.43 -14.90 -31.00
N LEU A 51 5.46 -15.32 -31.82
CA LEU A 51 4.54 -16.38 -31.44
C LEU A 51 5.23 -17.65 -31.00
N GLN A 52 6.23 -18.07 -31.76
CA GLN A 52 6.99 -19.27 -31.46
C GLN A 52 7.69 -19.17 -30.10
N GLU A 53 7.39 -18.11 -29.35
CA GLU A 53 8.02 -17.90 -28.06
C GLU A 53 7.02 -17.46 -27.01
N ARG A 54 5.75 -17.67 -27.28
CA ARG A 54 4.71 -17.31 -26.32
C ARG A 54 4.09 -18.54 -25.71
N GLU A 55 4.65 -19.71 -26.04
CA GLU A 55 4.17 -20.98 -25.52
C GLU A 55 2.66 -21.10 -25.61
N GLY A 56 2.07 -20.38 -26.56
CA GLY A 56 0.63 -20.45 -26.72
C GLY A 56 -0.12 -19.61 -25.71
N ILE A 57 0.62 -18.95 -24.84
CA ILE A 57 -0.01 -18.11 -23.85
C ILE A 57 -0.77 -16.99 -24.54
N PRO A 58 -2.08 -16.89 -24.29
CA PRO A 58 -2.93 -15.85 -24.88
C PRO A 58 -2.45 -14.42 -24.60
N HIS A 59 -2.59 -13.52 -25.57
CA HIS A 59 -2.19 -12.13 -25.38
C HIS A 59 -3.36 -11.21 -25.71
N HIS A 60 -3.57 -10.15 -24.93
CA HIS A 60 -4.69 -9.24 -25.21
C HIS A 60 -4.23 -7.80 -25.40
N VAL A 61 -5.11 -6.97 -25.94
CA VAL A 61 -4.78 -5.56 -26.18
C VAL A 61 -3.39 -5.40 -26.80
N MET A 62 -3.21 -6.07 -27.92
CA MET A 62 -1.93 -6.02 -28.62
C MET A 62 -2.11 -6.34 -30.07
N ASN A 63 -1.59 -5.48 -30.94
CA ASN A 63 -1.66 -5.67 -32.39
C ASN A 63 -3.11 -5.84 -32.84
N HIS A 64 -3.90 -4.80 -32.65
CA HIS A 64 -5.31 -4.85 -33.02
C HIS A 64 -5.81 -3.48 -33.49
N VAL A 65 -4.94 -2.50 -33.45
CA VAL A 65 -5.33 -1.15 -33.85
C VAL A 65 -4.81 -0.83 -35.23
N ASP A 66 -5.64 -0.22 -36.06
CA ASP A 66 -5.25 0.15 -37.42
C ASP A 66 -4.51 1.48 -37.44
N TRP A 67 -3.48 1.56 -38.29
CA TRP A 67 -2.66 2.76 -38.40
C TRP A 67 -3.48 4.03 -38.63
N SER A 68 -4.75 3.83 -38.97
CA SER A 68 -5.66 4.93 -39.25
C SER A 68 -6.21 5.59 -37.99
N GLU A 69 -6.19 4.85 -36.90
CA GLU A 69 -6.71 5.36 -35.64
C GLU A 69 -5.60 5.64 -34.63
N GLU A 70 -5.92 6.43 -33.60
CA GLU A 70 -4.95 6.78 -32.57
C GLU A 70 -5.31 6.19 -31.22
N TYR A 71 -4.44 5.32 -30.67
CA TYR A 71 -4.71 4.70 -29.38
C TYR A 71 -4.50 5.71 -28.27
N TYR A 72 -4.99 5.42 -27.07
CA TYR A 72 -4.81 6.31 -25.93
C TYR A 72 -5.27 5.72 -24.57
N SER A 73 -5.04 6.45 -23.49
CA SER A 73 -5.41 6.02 -22.13
C SER A 73 -6.76 5.32 -22.00
N HIS A 74 -7.85 6.07 -22.12
CA HIS A 74 -9.19 5.52 -21.99
C HIS A 74 -9.46 4.36 -22.95
N ARG A 75 -8.72 4.31 -24.05
CA ARG A 75 -8.86 3.23 -25.02
C ARG A 75 -8.23 1.99 -24.40
N PHE A 76 -7.23 2.22 -23.54
CA PHE A 76 -6.52 1.14 -22.86
C PHE A 76 -7.29 0.72 -21.62
N GLU A 77 -7.88 1.68 -20.92
CA GLU A 77 -8.61 1.38 -19.71
C GLU A 77 -9.77 0.41 -19.95
N THR A 78 -10.54 0.65 -21.02
CA THR A 78 -11.68 -0.20 -21.35
C THR A 78 -11.20 -1.54 -21.86
N GLU A 79 -10.23 -1.52 -22.76
CA GLU A 79 -9.69 -2.77 -23.29
C GLU A 79 -8.97 -3.60 -22.23
N CYS A 80 -8.13 -2.95 -21.43
CA CYS A 80 -7.39 -3.65 -20.39
C CYS A 80 -8.34 -4.29 -19.40
N MET A 81 -9.28 -3.49 -18.91
CA MET A 81 -10.25 -3.95 -17.93
C MET A 81 -11.06 -5.13 -18.44
N ASN A 82 -11.53 -5.05 -19.67
CA ASN A 82 -12.30 -6.16 -20.24
C ASN A 82 -11.49 -7.43 -20.18
N ALA A 83 -10.20 -7.35 -20.52
CA ALA A 83 -9.33 -8.52 -20.48
C ALA A 83 -9.20 -9.04 -19.06
N ILE A 84 -8.98 -8.13 -18.12
CA ILE A 84 -8.87 -8.52 -16.73
C ILE A 84 -10.14 -9.28 -16.37
N GLU A 85 -11.30 -8.65 -16.58
CA GLU A 85 -12.61 -9.24 -16.29
C GLU A 85 -12.68 -10.66 -16.84
N ASP A 86 -12.53 -10.76 -18.16
CA ASP A 86 -12.55 -12.02 -18.86
C ASP A 86 -11.58 -13.03 -18.27
N ILE A 87 -10.29 -12.73 -18.31
CA ILE A 87 -9.28 -13.66 -17.79
C ILE A 87 -9.64 -14.18 -16.40
N HIS A 88 -10.24 -13.33 -15.60
CA HIS A 88 -10.64 -13.68 -14.25
C HIS A 88 -11.77 -14.69 -14.24
N ARG A 89 -12.88 -14.35 -14.91
CA ARG A 89 -14.03 -15.24 -14.98
C ARG A 89 -13.74 -16.49 -15.81
N ARG A 90 -12.50 -16.94 -15.77
CA ARG A 90 -12.11 -18.13 -16.51
C ARG A 90 -11.10 -18.89 -15.67
N GLY A 91 -10.89 -18.43 -14.45
CA GLY A 91 -9.94 -19.09 -13.57
C GLY A 91 -8.50 -18.73 -13.84
N LYS A 92 -8.27 -17.87 -14.81
CA LYS A 92 -6.91 -17.46 -15.12
C LYS A 92 -6.52 -16.20 -14.38
N ILE A 93 -5.21 -15.93 -14.37
CA ILE A 93 -4.69 -14.76 -13.72
C ILE A 93 -3.97 -13.83 -14.73
N PRO A 94 -4.49 -12.60 -14.93
CA PRO A 94 -3.93 -11.61 -15.86
C PRO A 94 -2.51 -11.17 -15.55
N ILE A 95 -1.74 -10.87 -16.58
CA ILE A 95 -0.37 -10.41 -16.40
C ILE A 95 -0.10 -9.29 -17.38
N VAL A 96 -0.35 -8.06 -16.96
CA VAL A 96 -0.15 -6.92 -17.84
C VAL A 96 1.34 -6.60 -17.97
N VAL A 97 1.83 -6.63 -19.21
CA VAL A 97 3.25 -6.38 -19.45
C VAL A 97 3.44 -5.31 -20.51
N GLY A 98 4.27 -4.31 -20.21
CA GLY A 98 4.51 -3.26 -21.17
C GLY A 98 5.44 -2.22 -20.63
N GLY A 99 5.97 -1.38 -21.51
CA GLY A 99 6.88 -0.34 -21.09
C GLY A 99 6.20 1.02 -20.93
N THR A 100 4.94 1.11 -21.32
CA THR A 100 4.20 2.37 -21.21
C THR A 100 3.62 2.44 -19.81
N HIS A 101 4.49 2.55 -18.82
CA HIS A 101 4.04 2.56 -17.44
C HIS A 101 2.93 3.55 -17.15
N TYR A 102 2.81 4.56 -18.00
CA TYR A 102 1.77 5.55 -17.84
C TYR A 102 0.39 4.91 -17.77
N TYR A 103 0.07 4.07 -18.74
CA TYR A 103 -1.23 3.41 -18.80
C TYR A 103 -1.59 2.68 -17.50
N LEU A 104 -0.59 2.13 -16.86
CA LEU A 104 -0.79 1.43 -15.60
C LEU A 104 -1.70 2.21 -14.64
N GLN A 105 -1.74 3.53 -14.74
CA GLN A 105 -2.56 4.33 -13.85
C GLN A 105 -4.00 3.84 -13.79
N THR A 106 -4.41 3.16 -14.85
CA THR A 106 -5.75 2.65 -14.93
C THR A 106 -5.96 1.60 -13.83
N LEU A 107 -4.86 0.97 -13.41
CA LEU A 107 -4.91 -0.06 -12.38
C LEU A 107 -5.26 0.48 -11.01
N PHE A 108 -5.26 1.81 -10.90
CA PHE A 108 -5.60 2.46 -9.64
C PHE A 108 -6.30 3.80 -9.86
N ASN A 109 -7.43 3.78 -10.57
CA ASN A 109 -8.24 4.99 -10.87
C ASN A 109 -7.48 6.31 -10.87
N LYS A 110 -6.62 6.51 -11.84
CA LYS A 110 -5.86 7.75 -11.85
C LYS A 110 -6.19 8.43 -13.16
N ARG A 111 -7.44 8.84 -13.31
CA ARG A 111 -7.87 9.51 -14.54
C ARG A 111 -9.21 10.20 -14.36
N VAL A 112 -9.68 10.88 -15.39
CA VAL A 112 -10.95 11.57 -15.33
C VAL A 112 -11.83 11.16 -16.49
N ASP A 113 -13.02 10.67 -16.19
CA ASP A 113 -13.96 10.23 -17.22
C ASP A 113 -14.80 11.39 -17.78
N THR A 114 -14.38 11.93 -18.92
CA THR A 114 -15.09 13.04 -19.56
C THR A 114 -16.01 12.53 -20.66
N LYS A 115 -15.99 11.22 -20.87
CA LYS A 115 -16.81 10.59 -21.89
C LYS A 115 -18.26 10.41 -21.40
N SER A 116 -18.44 9.60 -20.36
CA SER A 116 -19.76 9.33 -19.80
C SER A 116 -20.48 10.62 -19.44
N SER A 117 -19.69 11.66 -19.17
CA SER A 117 -20.23 12.97 -18.82
C SER A 117 -20.28 13.87 -20.07
N GLU A 118 -21.23 13.58 -20.96
CA GLU A 118 -21.39 14.37 -22.18
C GLU A 118 -21.86 15.78 -21.82
N ARG A 119 -21.52 16.74 -22.68
CA ARG A 119 -21.91 18.13 -22.48
C ARG A 119 -21.60 18.92 -23.74
N LYS A 120 -22.62 19.42 -24.41
CA LYS A 120 -22.44 20.20 -25.64
C LYS A 120 -21.54 21.41 -25.41
N LEU A 121 -20.34 21.38 -25.95
CA LEU A 121 -19.41 22.48 -25.78
C LEU A 121 -19.95 23.72 -26.46
N THR A 122 -19.75 24.86 -25.83
CA THR A 122 -20.22 26.13 -26.36
C THR A 122 -19.24 26.79 -27.32
N ARG A 123 -19.78 27.46 -28.32
CA ARG A 123 -18.97 28.17 -29.31
C ARG A 123 -17.93 29.02 -28.60
N LYS A 124 -18.32 29.62 -27.48
CA LYS A 124 -17.39 30.46 -26.73
C LYS A 124 -16.28 29.61 -26.12
N GLN A 125 -16.66 28.50 -25.50
CA GLN A 125 -15.71 27.61 -24.86
C GLN A 125 -14.74 27.04 -25.89
N LEU A 126 -15.29 26.52 -26.98
CA LEU A 126 -14.48 25.95 -28.05
C LEU A 126 -13.53 26.98 -28.61
N ASP A 127 -14.02 28.17 -28.94
CA ASP A 127 -13.16 29.21 -29.50
C ASP A 127 -11.93 29.46 -28.64
N ILE A 128 -12.06 29.17 -27.35
CA ILE A 128 -10.94 29.35 -26.43
C ILE A 128 -10.00 28.16 -26.56
N LEU A 129 -10.58 26.96 -26.54
CA LEU A 129 -9.81 25.73 -26.66
C LEU A 129 -9.02 25.71 -27.96
N GLU A 130 -9.75 25.62 -29.07
CA GLU A 130 -9.14 25.58 -30.38
C GLU A 130 -8.69 26.96 -30.83
N SER A 131 -8.10 27.70 -29.90
CA SER A 131 -7.64 29.04 -30.22
C SER A 131 -6.22 28.98 -30.77
N THR A 132 -5.94 29.88 -31.71
CA THR A 132 -4.61 29.97 -32.34
C THR A 132 -3.55 30.40 -31.33
N ASP A 133 -3.91 31.36 -30.48
CA ASP A 133 -2.97 31.86 -29.47
C ASP A 133 -2.70 30.80 -28.40
N PRO A 134 -1.46 30.72 -27.90
CA PRO A 134 -1.09 29.73 -26.89
C PRO A 134 -1.43 30.12 -25.45
N ASP A 135 -0.97 31.29 -25.02
CA ASP A 135 -1.21 31.77 -23.67
C ASP A 135 -2.64 32.18 -23.37
N VAL A 136 -3.51 32.17 -24.37
CA VAL A 136 -4.91 32.53 -24.14
C VAL A 136 -5.63 31.42 -23.39
N ILE A 137 -5.42 30.19 -23.82
CA ILE A 137 -6.07 29.05 -23.18
C ILE A 137 -5.61 28.90 -21.74
N TYR A 138 -4.36 29.28 -21.48
CA TYR A 138 -3.81 29.18 -20.12
C TYR A 138 -4.49 30.17 -19.20
N ASN A 139 -4.46 31.44 -19.59
CA ASN A 139 -5.08 32.50 -18.79
C ASN A 139 -6.54 32.16 -18.49
N THR A 140 -7.19 31.43 -19.39
CA THR A 140 -8.58 31.07 -19.17
C THR A 140 -8.64 30.12 -17.98
N LEU A 141 -7.75 29.14 -17.97
CA LEU A 141 -7.67 28.14 -16.91
C LEU A 141 -7.33 28.83 -15.59
N VAL A 142 -6.31 29.67 -15.65
CA VAL A 142 -5.86 30.41 -14.47
C VAL A 142 -7.04 31.14 -13.84
N LYS A 143 -8.02 31.51 -14.65
CA LYS A 143 -9.18 32.24 -14.16
C LYS A 143 -10.13 31.29 -13.47
N CYS A 144 -10.62 30.31 -14.20
CA CYS A 144 -11.53 29.33 -13.62
C CYS A 144 -10.73 28.17 -13.05
N ASP A 145 -10.50 28.18 -11.74
CA ASP A 145 -9.75 27.12 -11.06
C ASP A 145 -8.25 27.28 -11.23
N PRO A 146 -7.68 28.31 -10.61
CA PRO A 146 -6.24 28.58 -10.70
C PRO A 146 -5.37 27.58 -9.97
N ASP A 147 -5.98 26.78 -9.08
CA ASP A 147 -5.20 25.81 -8.32
C ASP A 147 -4.66 24.71 -9.19
N ILE A 148 -5.27 24.49 -10.33
CA ILE A 148 -4.79 23.44 -11.22
C ILE A 148 -3.87 24.09 -12.23
N ALA A 149 -4.13 25.36 -12.52
CA ALA A 149 -3.33 26.08 -13.49
C ALA A 149 -1.95 26.39 -12.96
N THR A 150 -1.78 26.21 -11.67
CA THR A 150 -0.50 26.50 -11.07
C THR A 150 0.39 25.29 -11.02
N LYS A 151 -0.13 24.15 -11.49
CA LYS A 151 0.66 22.95 -11.47
C LYS A 151 1.14 22.63 -12.88
N TYR A 152 0.78 23.49 -13.83
CA TYR A 152 1.20 23.28 -15.20
C TYR A 152 1.84 24.55 -15.74
N HIS A 153 2.97 24.39 -16.42
CA HIS A 153 3.70 25.52 -17.00
C HIS A 153 2.83 26.08 -18.13
N PRO A 154 2.84 27.41 -18.32
CA PRO A 154 2.05 28.05 -19.37
C PRO A 154 2.38 27.69 -20.82
N ASN A 155 3.34 26.78 -21.01
CA ASN A 155 3.75 26.34 -22.35
C ASN A 155 3.36 24.89 -22.62
N ASP A 156 2.87 24.21 -21.60
CA ASP A 156 2.45 22.80 -21.68
C ASP A 156 1.05 22.77 -22.28
N TYR A 157 0.96 23.17 -23.55
CA TYR A 157 -0.29 23.24 -24.28
C TYR A 157 -1.16 21.99 -24.19
N ARG A 158 -0.60 20.82 -24.53
CA ARG A 158 -1.38 19.60 -24.48
C ARG A 158 -2.17 19.42 -23.20
N ARG A 159 -1.48 19.55 -22.07
CA ARG A 159 -2.11 19.36 -20.76
C ARG A 159 -2.96 20.53 -20.31
N VAL A 160 -2.41 21.73 -20.35
CA VAL A 160 -3.18 22.92 -19.94
C VAL A 160 -4.51 22.90 -20.67
N GLN A 161 -4.47 22.47 -21.92
CA GLN A 161 -5.68 22.40 -22.74
C GLN A 161 -6.62 21.34 -22.18
N ARG A 162 -6.05 20.16 -21.90
CA ARG A 162 -6.82 19.05 -21.37
C ARG A 162 -7.51 19.46 -20.08
N MET A 163 -6.79 20.11 -19.19
CA MET A 163 -7.39 20.52 -17.94
C MET A 163 -8.65 21.35 -18.16
N LEU A 164 -8.57 22.30 -19.09
CA LEU A 164 -9.69 23.19 -19.41
C LEU A 164 -10.83 22.39 -20.02
N GLU A 165 -10.46 21.43 -20.88
CA GLU A 165 -11.45 20.61 -21.52
C GLU A 165 -12.28 19.88 -20.44
N ILE A 166 -11.64 19.57 -19.31
CA ILE A 166 -12.33 18.86 -18.25
C ILE A 166 -13.24 19.81 -17.49
N TYR A 167 -12.75 21.03 -17.23
CA TYR A 167 -13.52 22.02 -16.50
C TYR A 167 -14.84 22.27 -17.16
N TYR A 168 -14.87 22.03 -18.47
CA TYR A 168 -16.07 22.23 -19.26
C TYR A 168 -16.95 20.99 -19.27
N LYS A 169 -16.46 19.94 -19.91
CA LYS A 169 -17.24 18.72 -20.01
C LYS A 169 -17.81 18.25 -18.68
N THR A 170 -17.14 18.57 -17.58
CA THR A 170 -17.59 18.14 -16.26
C THR A 170 -18.17 19.29 -15.46
N GLY A 171 -17.87 20.51 -15.90
CA GLY A 171 -18.37 21.68 -15.18
C GLY A 171 -17.90 21.66 -13.75
N LYS A 172 -16.83 20.93 -13.50
CA LYS A 172 -16.25 20.82 -12.16
C LYS A 172 -14.75 21.13 -12.20
N LYS A 173 -14.31 22.01 -11.30
CA LYS A 173 -12.90 22.36 -11.25
C LYS A 173 -12.05 21.11 -11.21
N PRO A 174 -11.13 20.96 -12.16
CA PRO A 174 -10.26 19.78 -12.20
C PRO A 174 -9.42 19.63 -10.92
N SER A 175 -9.01 20.76 -10.36
CA SER A 175 -8.19 20.74 -9.15
C SER A 175 -8.95 20.05 -8.03
N GLU A 176 -10.26 20.28 -7.98
CA GLU A 176 -11.10 19.65 -6.96
C GLU A 176 -11.31 18.18 -7.28
N THR A 177 -11.54 17.86 -8.54
CA THR A 177 -11.76 16.49 -8.95
C THR A 177 -10.62 15.61 -8.49
N PHE A 178 -9.42 16.18 -8.44
CA PHE A 178 -8.26 15.44 -8.01
C PHE A 178 -8.21 15.25 -6.49
N ASN A 179 -8.60 16.28 -5.73
CA ASN A 179 -8.60 16.18 -4.27
C ASN A 179 -9.70 15.26 -3.80
N GLU A 180 -10.52 14.81 -4.74
CA GLU A 180 -11.62 13.93 -4.44
C GLU A 180 -11.42 12.55 -5.04
N GLN A 181 -10.23 12.28 -5.56
CA GLN A 181 -9.96 10.98 -6.16
C GLN A 181 -9.57 9.96 -5.11
N LYS A 182 -9.52 8.70 -5.53
CA LYS A 182 -9.15 7.63 -4.62
C LYS A 182 -7.72 7.14 -4.84
N ILE A 183 -7.40 6.80 -6.08
CA ILE A 183 -6.07 6.31 -6.40
C ILE A 183 -5.87 4.90 -5.84
N THR A 184 -6.80 4.44 -5.02
CA THR A 184 -6.70 3.08 -4.50
C THR A 184 -6.79 2.11 -5.66
N LEU A 185 -5.83 1.21 -5.79
CA LEU A 185 -5.87 0.27 -6.91
C LEU A 185 -6.88 -0.85 -6.71
N LYS A 186 -7.61 -1.20 -7.76
CA LYS A 186 -8.58 -2.28 -7.69
C LYS A 186 -7.86 -3.58 -7.97
N PHE A 187 -8.38 -4.67 -7.41
CA PHE A 187 -7.75 -5.98 -7.58
C PHE A 187 -6.47 -6.01 -6.75
N ASP A 188 -6.19 -7.16 -6.15
CA ASP A 188 -4.98 -7.32 -5.39
C ASP A 188 -3.87 -7.38 -6.45
N THR A 189 -3.06 -6.33 -6.54
CA THR A 189 -2.01 -6.31 -7.55
C THR A 189 -0.60 -6.53 -7.03
N LEU A 190 0.22 -7.20 -7.83
CA LEU A 190 1.61 -7.46 -7.49
C LEU A 190 2.46 -6.81 -8.56
N PHE A 191 3.21 -5.77 -8.19
CA PHE A 191 4.06 -5.10 -9.17
C PHE A 191 5.48 -5.65 -9.15
N LEU A 192 5.98 -6.05 -10.30
CA LEU A 192 7.35 -6.55 -10.40
C LEU A 192 8.11 -5.60 -11.31
N TRP A 193 9.28 -5.16 -10.86
CA TRP A 193 10.10 -4.23 -11.62
C TRP A 193 11.38 -4.95 -12.00
N LEU A 194 11.56 -5.20 -13.29
CA LEU A 194 12.72 -5.89 -13.83
C LEU A 194 13.71 -4.80 -14.21
N TYR A 195 14.73 -4.60 -13.38
CA TYR A 195 15.72 -3.55 -13.58
C TYR A 195 17.03 -4.07 -14.12
N SER A 196 17.87 -3.15 -14.58
CA SER A 196 19.19 -3.51 -15.08
C SER A 196 20.06 -2.27 -15.12
N LYS A 197 21.27 -2.36 -14.58
CA LYS A 197 22.17 -1.20 -14.58
C LYS A 197 22.14 -0.62 -15.98
N PRO A 198 22.13 0.71 -16.06
CA PRO A 198 22.08 1.40 -17.35
C PRO A 198 23.20 1.02 -18.33
N GLU A 199 24.44 1.05 -17.85
CA GLU A 199 25.57 0.75 -18.72
C GLU A 199 25.39 -0.53 -19.49
N PRO A 200 25.19 -1.65 -18.78
CA PRO A 200 25.00 -2.92 -19.49
C PRO A 200 23.81 -2.88 -20.42
N LEU A 201 22.70 -2.33 -19.93
CA LEU A 201 21.45 -2.25 -20.69
C LEU A 201 21.68 -1.51 -21.99
N PHE A 202 22.23 -0.31 -21.90
CA PHE A 202 22.49 0.50 -23.07
C PHE A 202 23.24 -0.27 -24.14
N GLN A 203 24.25 -1.02 -23.73
CA GLN A 203 25.04 -1.80 -24.67
C GLN A 203 24.15 -2.78 -25.42
N ARG A 204 23.29 -3.49 -24.68
CA ARG A 204 22.36 -4.45 -25.26
C ARG A 204 21.34 -3.72 -26.14
N LEU A 205 20.85 -2.58 -25.68
CA LEU A 205 19.89 -1.81 -26.45
C LEU A 205 20.48 -1.37 -27.77
N ASP A 206 21.78 -1.08 -27.78
CA ASP A 206 22.44 -0.67 -29.02
C ASP A 206 22.49 -1.82 -30.01
N ASP A 207 23.01 -2.95 -29.56
CA ASP A 207 23.11 -4.15 -30.40
C ASP A 207 21.72 -4.59 -30.84
N ARG A 208 20.77 -4.48 -29.93
CA ARG A 208 19.38 -4.85 -30.17
C ARG A 208 18.90 -4.04 -31.36
N VAL A 209 19.32 -2.78 -31.42
CA VAL A 209 18.93 -1.92 -32.52
C VAL A 209 19.60 -2.35 -33.80
N ASP A 210 20.86 -2.75 -33.70
CA ASP A 210 21.62 -3.21 -34.86
C ASP A 210 21.00 -4.44 -35.49
N ASP A 211 21.01 -5.55 -34.76
CA ASP A 211 20.48 -6.79 -35.29
C ASP A 211 18.98 -6.68 -35.52
N MET A 212 18.43 -5.49 -35.31
CA MET A 212 17.01 -5.26 -35.53
C MET A 212 16.79 -4.88 -36.98
N LEU A 213 17.81 -4.25 -37.58
CA LEU A 213 17.77 -3.83 -38.96
C LEU A 213 18.18 -5.03 -39.82
N GLU A 214 18.99 -5.90 -39.24
CA GLU A 214 19.46 -7.11 -39.91
C GLU A 214 18.31 -8.08 -40.12
N ARG A 215 17.31 -8.02 -39.24
CA ARG A 215 16.15 -8.90 -39.37
C ARG A 215 15.12 -8.29 -40.30
N GLY A 216 15.46 -7.21 -40.97
CA GLY A 216 14.52 -6.61 -41.89
C GLY A 216 13.67 -5.50 -41.33
N ALA A 217 14.33 -4.55 -40.68
CA ALA A 217 13.65 -3.40 -40.10
C ALA A 217 13.27 -2.41 -41.19
N LEU A 218 14.21 -2.17 -42.10
CA LEU A 218 14.01 -1.25 -43.21
C LEU A 218 12.80 -1.65 -44.01
N GLN A 219 12.56 -2.95 -44.14
CA GLN A 219 11.41 -3.42 -44.89
C GLN A 219 10.15 -2.83 -44.27
N GLU A 220 10.14 -2.76 -42.94
CA GLU A 220 9.01 -2.21 -42.19
C GLU A 220 9.03 -0.69 -42.25
N ILE A 221 10.22 -0.12 -42.21
CA ILE A 221 10.34 1.31 -42.28
C ILE A 221 9.80 1.83 -43.61
N LYS A 222 10.13 1.14 -44.70
CA LYS A 222 9.67 1.54 -46.04
C LYS A 222 8.17 1.33 -46.18
N GLN A 223 7.68 0.22 -45.65
CA GLN A 223 6.26 -0.06 -45.69
C GLN A 223 5.56 1.07 -44.97
N LEU A 224 6.09 1.43 -43.81
CA LEU A 224 5.55 2.50 -43.01
C LEU A 224 5.60 3.81 -43.79
N TYR A 225 6.67 3.98 -44.56
CA TYR A 225 6.86 5.19 -45.38
C TYR A 225 5.88 5.19 -46.54
N GLU A 226 5.52 4.00 -47.00
CA GLU A 226 4.57 3.83 -48.11
C GLU A 226 3.25 4.43 -47.64
N TYR A 227 2.71 3.89 -46.57
CA TYR A 227 1.46 4.36 -46.03
C TYR A 227 1.61 5.84 -45.69
N TYR A 228 2.76 6.19 -45.10
CA TYR A 228 3.07 7.56 -44.70
C TYR A 228 2.94 8.43 -45.94
N SER A 229 3.56 7.99 -47.02
CA SER A 229 3.51 8.69 -48.28
C SER A 229 2.13 8.44 -48.88
N GLN A 230 1.90 8.97 -50.07
CA GLN A 230 0.61 8.81 -50.72
C GLN A 230 -0.49 8.99 -49.66
N ASN A 231 -0.24 9.90 -48.71
CA ASN A 231 -1.18 10.20 -47.65
C ASN A 231 -0.89 11.64 -47.25
N LYS A 232 0.04 12.24 -47.98
CA LYS A 232 0.48 13.61 -47.78
C LYS A 232 0.69 13.95 -46.31
N PHE A 233 1.56 13.17 -45.68
CA PHE A 233 1.89 13.35 -44.27
C PHE A 233 3.18 14.14 -44.12
N THR A 234 3.19 15.08 -43.19
CA THR A 234 4.38 15.88 -42.92
C THR A 234 5.07 15.35 -41.68
N PRO A 235 6.38 15.57 -41.57
CA PRO A 235 7.12 15.09 -40.41
C PRO A 235 6.53 15.50 -39.05
N GLU A 236 5.70 16.54 -39.07
CA GLU A 236 5.08 17.02 -37.85
C GLU A 236 3.88 16.16 -37.48
N GLN A 237 3.67 15.10 -38.25
CA GLN A 237 2.57 14.18 -38.02
C GLN A 237 3.07 13.09 -37.09
N CYS A 238 4.39 13.02 -36.94
CA CYS A 238 4.99 12.02 -36.08
C CYS A 238 4.80 12.29 -34.60
N GLU A 239 3.63 12.79 -34.26
CA GLU A 239 3.29 13.07 -32.88
C GLU A 239 1.95 12.43 -32.60
N ASN A 240 1.48 11.63 -33.56
CA ASN A 240 0.21 10.98 -33.43
C ASN A 240 0.31 9.52 -33.77
N GLY A 241 -0.44 8.69 -33.05
CA GLY A 241 -0.45 7.26 -33.30
C GLY A 241 0.88 6.61 -33.57
N VAL A 242 0.87 5.61 -34.45
CA VAL A 242 2.06 4.85 -34.79
C VAL A 242 3.22 5.74 -35.17
N TRP A 243 2.89 6.88 -35.73
CA TRP A 243 3.89 7.83 -36.16
C TRP A 243 4.78 8.34 -35.02
N GLN A 244 4.56 7.86 -33.81
CA GLN A 244 5.37 8.29 -32.68
C GLN A 244 6.47 7.28 -32.42
N VAL A 245 6.20 6.03 -32.78
CA VAL A 245 7.13 4.93 -32.58
C VAL A 245 8.60 5.29 -32.83
N ILE A 246 9.49 4.61 -32.12
CA ILE A 246 10.92 4.84 -32.27
C ILE A 246 11.43 3.84 -33.30
N GLY A 247 11.55 4.30 -34.54
CA GLY A 247 12.03 3.42 -35.58
C GLY A 247 11.62 3.90 -36.95
N PHE A 248 10.72 4.87 -36.98
CA PHE A 248 10.24 5.44 -38.22
C PHE A 248 10.75 6.87 -38.40
N LYS A 249 10.16 7.81 -37.65
CA LYS A 249 10.54 9.22 -37.73
C LYS A 249 12.05 9.48 -37.72
N GLU A 250 12.81 8.58 -37.11
CA GLU A 250 14.27 8.72 -37.06
C GLU A 250 14.90 8.61 -38.44
N PHE A 251 14.29 7.81 -39.32
CA PHE A 251 14.81 7.63 -40.67
C PHE A 251 14.13 8.55 -41.69
N LEU A 252 13.14 9.32 -41.26
CA LEU A 252 12.43 10.20 -42.18
C LEU A 252 13.37 11.05 -43.06
N PRO A 253 14.41 11.66 -42.48
CA PRO A 253 15.32 12.48 -43.28
C PRO A 253 16.07 11.64 -44.34
N TRP A 254 16.23 10.35 -44.06
CA TRP A 254 16.90 9.45 -45.00
C TRP A 254 15.96 9.15 -46.16
N LEU A 255 14.68 8.98 -45.83
CA LEU A 255 13.64 8.71 -46.81
C LEU A 255 13.25 10.06 -47.43
N THR A 256 13.98 11.11 -47.05
CA THR A 256 13.73 12.46 -47.55
C THR A 256 12.31 12.89 -47.24
N VAL A 264 25.99 5.93 -45.29
CA VAL A 264 26.25 7.35 -45.57
C VAL A 264 25.39 8.24 -44.65
N LYS A 265 24.10 8.34 -44.97
CA LYS A 265 23.17 9.13 -44.18
C LYS A 265 22.32 8.19 -43.34
N LEU A 266 22.01 7.03 -43.90
CA LEU A 266 21.21 6.04 -43.18
C LEU A 266 21.84 5.70 -41.85
N GLU A 267 23.16 5.76 -41.79
CA GLU A 267 23.87 5.47 -40.55
C GLU A 267 23.49 6.44 -39.44
N ASP A 268 23.44 7.72 -39.77
CA ASP A 268 23.07 8.73 -38.79
C ASP A 268 21.64 8.50 -38.32
N CYS A 269 20.76 8.09 -39.21
CA CYS A 269 19.38 7.84 -38.81
C CYS A 269 19.31 6.66 -37.88
N ILE A 270 20.33 5.80 -37.95
CA ILE A 270 20.37 4.63 -37.07
C ILE A 270 20.88 5.08 -35.70
N GLU A 271 21.94 5.88 -35.70
CA GLU A 271 22.49 6.37 -34.46
C GLU A 271 21.48 7.24 -33.75
N ARG A 272 20.62 7.88 -34.53
CA ARG A 272 19.58 8.72 -33.97
C ARG A 272 18.55 7.83 -33.28
N MET A 273 18.31 6.66 -33.85
CA MET A 273 17.36 5.74 -33.25
C MET A 273 17.98 5.16 -31.98
N LYS A 274 19.25 4.82 -32.05
CA LYS A 274 19.91 4.26 -30.88
C LYS A 274 19.84 5.24 -29.71
N THR A 275 19.76 6.53 -30.02
CA THR A 275 19.68 7.56 -29.00
C THR A 275 18.27 7.65 -28.42
N ARG A 276 17.24 7.69 -29.27
CA ARG A 276 15.87 7.76 -28.78
C ARG A 276 15.58 6.60 -27.86
N THR A 277 16.08 5.42 -28.20
CA THR A 277 15.86 4.24 -27.39
C THR A 277 16.54 4.42 -26.05
N ARG A 278 17.81 4.77 -26.08
CA ARG A 278 18.57 4.99 -24.86
C ARG A 278 17.85 5.99 -23.96
N GLN A 279 17.46 7.12 -24.51
CA GLN A 279 16.76 8.16 -23.76
C GLN A 279 15.47 7.60 -23.17
N TYR A 280 14.69 6.92 -23.99
CA TYR A 280 13.43 6.34 -23.54
C TYR A 280 13.64 5.46 -22.32
N ALA A 281 14.67 4.64 -22.36
CA ALA A 281 14.98 3.75 -21.26
C ALA A 281 15.21 4.59 -20.00
N LYS A 282 15.98 5.67 -20.14
CA LYS A 282 16.27 6.52 -19.00
C LYS A 282 15.03 7.16 -18.43
N ARG A 283 14.16 7.63 -19.33
CA ARG A 283 12.92 8.25 -18.95
C ARG A 283 12.01 7.25 -18.25
N GLN A 284 12.02 6.00 -18.71
CA GLN A 284 11.19 4.97 -18.10
C GLN A 284 11.50 4.80 -16.62
N VAL A 285 12.77 4.60 -16.30
CA VAL A 285 13.17 4.44 -14.90
C VAL A 285 12.71 5.63 -14.07
N LYS A 286 12.83 6.83 -14.65
CA LYS A 286 12.44 8.05 -13.96
C LYS A 286 10.96 7.98 -13.61
N TRP A 287 10.13 7.50 -14.54
CA TRP A 287 8.71 7.41 -14.30
C TRP A 287 8.41 6.42 -13.19
N ILE A 288 9.07 5.27 -13.24
CA ILE A 288 8.88 4.22 -12.24
C ILE A 288 9.31 4.63 -10.85
N LYS A 289 10.32 5.51 -10.77
CA LYS A 289 10.82 5.97 -9.49
C LYS A 289 10.16 7.24 -8.99
N LYS A 290 9.64 8.07 -9.87
CA LYS A 290 9.02 9.31 -9.40
C LYS A 290 7.50 9.31 -9.54
N MET A 291 6.98 8.45 -10.41
CA MET A 291 5.55 8.37 -10.63
C MET A 291 4.91 7.09 -10.09
N LEU A 292 5.22 5.94 -10.71
CA LEU A 292 4.67 4.65 -10.31
C LEU A 292 4.85 4.29 -8.85
N ILE A 293 6.09 4.06 -8.42
CA ILE A 293 6.34 3.70 -7.03
C ILE A 293 5.63 4.61 -6.01
N PRO A 294 5.88 5.92 -6.07
CA PRO A 294 5.22 6.84 -5.14
C PRO A 294 3.69 6.69 -5.13
N ASP A 295 3.08 6.55 -6.31
CA ASP A 295 1.63 6.40 -6.44
C ASP A 295 1.11 5.12 -5.77
N ILE A 296 1.86 4.01 -5.87
CA ILE A 296 1.46 2.75 -5.24
C ILE A 296 2.08 2.60 -3.86
N LYS A 297 2.37 3.72 -3.22
CA LYS A 297 2.92 3.73 -1.88
C LYS A 297 4.17 2.89 -1.72
N GLY A 298 4.80 2.54 -2.82
CA GLY A 298 6.01 1.77 -2.73
C GLY A 298 5.85 0.28 -2.55
N ASP A 299 4.71 -0.28 -2.99
CA ASP A 299 4.48 -1.72 -2.89
C ASP A 299 4.92 -2.40 -4.21
N ILE A 300 6.22 -2.60 -4.34
CA ILE A 300 6.75 -3.19 -5.56
C ILE A 300 7.99 -4.01 -5.24
N TYR A 301 8.27 -5.04 -6.03
CA TYR A 301 9.43 -5.88 -5.79
C TYR A 301 10.40 -5.81 -6.96
N LEU A 302 11.67 -5.61 -6.65
CA LEU A 302 12.69 -5.50 -7.70
C LEU A 302 13.25 -6.84 -8.13
N LEU A 303 13.69 -6.91 -9.38
CA LEU A 303 14.29 -8.11 -9.95
C LEU A 303 15.52 -7.73 -10.78
N ASP A 304 16.71 -8.00 -10.23
CA ASP A 304 17.96 -7.66 -10.91
C ASP A 304 18.18 -8.49 -12.16
N ALA A 305 18.18 -7.82 -13.30
CA ALA A 305 18.34 -8.48 -14.58
C ALA A 305 19.52 -7.87 -15.32
N THR A 306 20.55 -7.53 -14.56
CA THR A 306 21.71 -6.92 -15.14
C THR A 306 22.67 -7.97 -15.70
N ASP A 307 22.78 -9.08 -14.99
CA ASP A 307 23.68 -10.15 -15.42
C ASP A 307 22.86 -11.29 -16.04
N LEU A 308 22.57 -11.14 -17.32
CA LEU A 308 21.80 -12.13 -18.04
C LEU A 308 22.30 -13.54 -17.85
N SER A 309 23.61 -13.70 -17.67
CA SER A 309 24.22 -15.02 -17.47
C SER A 309 23.47 -15.68 -16.34
N GLN A 310 22.85 -14.86 -15.51
CA GLN A 310 22.08 -15.39 -14.40
C GLN A 310 20.63 -15.48 -14.81
N TRP A 311 19.88 -14.41 -14.60
CA TRP A 311 18.46 -14.37 -14.94
C TRP A 311 17.63 -15.47 -14.26
N ASP A 312 17.96 -16.72 -14.53
CA ASP A 312 17.21 -17.82 -13.95
C ASP A 312 17.10 -17.72 -12.44
N THR A 313 18.19 -17.32 -11.81
CA THR A 313 18.23 -17.18 -10.36
C THR A 313 17.67 -15.87 -9.85
N ASN A 314 18.20 -14.78 -10.38
CA ASN A 314 17.78 -13.44 -9.97
C ASN A 314 16.42 -13.01 -10.48
N ALA A 315 16.00 -13.55 -11.61
CA ALA A 315 14.71 -13.21 -12.18
C ALA A 315 13.68 -14.32 -12.04
N SER A 316 13.74 -15.30 -12.93
CA SER A 316 12.81 -16.43 -12.93
C SER A 316 12.42 -16.88 -11.54
N GLN A 317 13.38 -17.45 -10.81
CA GLN A 317 13.10 -17.95 -9.48
C GLN A 317 12.49 -16.93 -8.52
N ARG A 318 13.17 -15.80 -8.33
CA ARG A 318 12.69 -14.74 -7.45
C ARG A 318 11.26 -14.36 -7.79
N ALA A 319 10.99 -14.15 -9.05
CA ALA A 319 9.64 -13.80 -9.48
C ALA A 319 8.67 -14.90 -9.08
N ILE A 320 8.96 -16.12 -9.52
CA ILE A 320 8.11 -17.25 -9.20
C ILE A 320 7.92 -17.33 -7.69
N ALA A 321 8.99 -17.12 -6.95
CA ALA A 321 8.91 -17.16 -5.50
C ALA A 321 7.88 -16.17 -4.98
N ILE A 322 8.03 -14.91 -5.37
CA ILE A 322 7.10 -13.88 -4.94
C ILE A 322 5.70 -14.20 -5.47
N SER A 323 5.61 -14.51 -6.76
CA SER A 323 4.33 -14.80 -7.39
C SER A 323 3.57 -15.92 -6.74
N ASN A 324 4.31 -16.94 -6.35
CA ASN A 324 3.73 -18.09 -5.69
C ASN A 324 3.00 -17.67 -4.42
N ASP A 325 3.70 -16.95 -3.56
CA ASP A 325 3.06 -16.50 -2.33
C ASP A 325 1.93 -15.53 -2.63
N PHE A 326 2.13 -14.67 -3.59
CA PHE A 326 1.11 -13.70 -3.95
C PHE A 326 -0.18 -14.39 -4.31
N ILE A 327 -0.11 -15.26 -5.30
CA ILE A 327 -1.27 -16.00 -5.76
C ILE A 327 -1.88 -16.87 -4.67
N SER A 328 -1.06 -17.32 -3.73
CA SER A 328 -1.55 -18.15 -2.63
C SER A 328 -2.14 -17.28 -1.54
N ASN A 329 -2.55 -16.08 -1.93
CA ASN A 329 -3.16 -15.12 -1.04
C ASN A 329 -2.46 -15.07 0.30
N ARG A 330 -1.14 -15.06 0.26
CA ARG A 330 -0.32 -15.03 1.47
C ARG A 330 0.62 -13.84 1.43
N PRO A 331 0.99 -13.31 2.60
CA PRO A 331 1.90 -12.16 2.67
C PRO A 331 3.30 -12.55 2.18
N ILE A 332 3.80 -11.83 1.19
CA ILE A 332 5.11 -12.10 0.60
C ILE A 332 6.24 -11.99 1.61
N LYS A 333 7.09 -13.01 1.67
CA LYS A 333 8.20 -13.04 2.61
C LYS A 333 9.52 -12.62 1.95
N GLN A 334 9.44 -12.39 0.65
CA GLN A 334 10.60 -11.99 -0.13
C GLN A 334 11.12 -10.63 0.26
N GLU A 335 12.43 -10.47 0.14
CA GLU A 335 13.09 -9.24 0.54
C GLU A 335 12.65 -7.98 -0.18
N ARG A 336 11.88 -8.12 -1.26
CA ARG A 336 11.39 -6.94 -1.97
C ARG A 336 12.43 -6.16 -2.77
N ALA A 337 13.70 -6.37 -2.47
CA ALA A 337 14.77 -5.68 -3.21
C ALA A 337 16.15 -6.26 -2.90
N PRO A 338 16.83 -6.81 -3.93
CA PRO A 338 18.16 -7.39 -3.75
C PRO A 338 19.19 -6.32 -3.39
N LYS A 339 19.98 -6.59 -2.35
CA LYS A 339 20.97 -5.64 -1.87
C LYS A 339 21.52 -4.72 -2.93
N ALA A 340 21.95 -5.29 -4.03
CA ALA A 340 22.51 -4.49 -5.08
C ALA A 340 21.64 -3.32 -5.52
N LEU A 341 20.33 -3.55 -5.63
CA LEU A 341 19.40 -2.50 -6.08
C LEU A 341 18.63 -1.87 -4.94
N GLU A 342 18.92 -2.31 -3.72
CA GLU A 342 18.24 -1.84 -2.53
C GLU A 342 18.02 -0.33 -2.52
N GLU A 343 18.96 0.44 -3.05
CA GLU A 343 18.81 1.89 -3.04
C GLU A 343 17.73 2.47 -3.95
N LEU A 344 17.34 1.73 -4.99
CA LEU A 344 16.32 2.22 -5.93
C LEU A 344 14.97 2.45 -5.29
N LEU A 345 14.66 1.70 -4.26
CA LEU A 345 13.38 1.85 -3.60
C LEU A 345 13.41 2.84 -2.44
N SER A 346 14.60 3.36 -2.11
CA SER A 346 14.72 4.32 -1.02
C SER A 346 13.91 5.58 -1.30
N LYS A 347 13.54 6.30 -0.26
CA LYS A 347 12.76 7.52 -0.44
C LYS A 347 13.52 8.54 -1.26
N GLY A 348 14.80 8.70 -0.96
CA GLY A 348 15.61 9.67 -1.66
C GLY A 348 15.57 9.54 -3.17
N GLU A 349 15.56 8.30 -3.65
CA GLU A 349 15.54 8.03 -5.07
C GLU A 349 14.12 8.07 -5.65
N THR A 350 13.13 8.15 -4.77
CA THR A 350 11.76 8.16 -5.21
C THR A 350 10.96 9.40 -4.86
N THR A 351 10.01 9.27 -3.95
CA THR A 351 9.15 10.38 -3.57
C THR A 351 9.90 11.65 -3.22
N MET A 352 11.12 11.49 -2.74
CA MET A 352 11.95 12.62 -2.38
C MET A 352 12.22 13.59 -3.55
N LYS A 353 12.29 13.06 -4.76
CA LYS A 353 12.56 13.87 -5.95
C LYS A 353 11.35 14.60 -6.52
N LYS A 354 10.17 14.24 -6.03
CA LYS A 354 8.97 14.85 -6.54
C LYS A 354 8.84 16.30 -6.18
N LEU A 355 8.48 17.10 -7.18
CA LEU A 355 8.31 18.54 -7.01
C LEU A 355 7.11 18.86 -6.11
N ASP A 356 7.36 19.64 -5.06
CA ASP A 356 6.29 20.05 -4.15
C ASP A 356 6.00 21.54 -4.21
N ASP A 357 6.99 22.34 -4.56
CA ASP A 357 6.83 23.79 -4.66
C ASP A 357 6.24 24.13 -6.03
N TRP A 358 5.06 24.75 -6.08
CA TRP A 358 4.46 25.06 -7.37
C TRP A 358 4.29 26.53 -7.71
N THR A 359 4.64 27.41 -6.77
CA THR A 359 4.52 28.85 -7.03
C THR A 359 5.31 29.26 -8.28
N HIS A 360 4.63 29.91 -9.22
CA HIS A 360 5.28 30.33 -10.45
C HIS A 360 6.11 31.59 -10.27
N TYR A 361 7.18 31.69 -11.05
CA TYR A 361 8.09 32.85 -11.02
C TYR A 361 8.36 33.25 -12.46
N THR A 362 8.43 34.56 -12.71
CA THR A 362 8.66 35.07 -14.05
C THR A 362 9.86 36.01 -14.07
N CYS A 363 10.88 35.62 -14.82
CA CYS A 363 12.08 36.43 -14.95
C CYS A 363 11.78 37.56 -15.90
N ASN A 364 12.01 38.79 -15.44
CA ASN A 364 11.75 39.98 -16.24
C ASN A 364 12.88 40.33 -17.21
N VAL A 365 14.01 39.64 -17.09
CA VAL A 365 15.15 39.91 -17.96
C VAL A 365 15.44 38.83 -18.98
N CYS A 366 14.93 37.63 -18.71
CA CYS A 366 15.13 36.48 -19.60
C CYS A 366 13.89 36.14 -20.42
N ARG A 367 14.11 35.76 -21.68
CA ARG A 367 13.00 35.40 -22.54
C ARG A 367 13.50 34.41 -23.57
N ASN A 368 12.64 33.46 -23.91
CA ASN A 368 12.94 32.39 -24.86
C ASN A 368 12.66 32.78 -26.31
N ALA A 369 13.12 31.92 -27.22
CA ALA A 369 12.95 32.15 -28.64
C ALA A 369 11.51 32.50 -29.03
N ASP A 370 10.54 31.99 -28.29
CA ASP A 370 9.15 32.27 -28.59
C ASP A 370 8.78 33.68 -28.15
N GLY A 371 9.76 34.46 -27.70
CA GLY A 371 9.48 35.82 -27.28
C GLY A 371 8.97 35.94 -25.85
N LYS A 372 8.36 34.87 -25.31
CA LYS A 372 7.84 34.88 -23.95
C LYS A 372 8.94 34.99 -22.89
N ASN A 373 8.59 35.47 -21.71
CA ASN A 373 9.57 35.59 -20.64
C ASN A 373 9.69 34.26 -19.94
N VAL A 374 10.87 33.93 -19.47
CA VAL A 374 11.09 32.67 -18.76
C VAL A 374 10.21 32.56 -17.52
N VAL A 375 9.65 31.38 -17.27
CA VAL A 375 8.80 31.18 -16.11
C VAL A 375 9.22 29.90 -15.38
N ALA A 376 9.79 30.03 -14.19
CA ALA A 376 10.24 28.87 -13.42
C ALA A 376 9.20 28.39 -12.41
N ILE A 377 9.21 27.10 -12.09
CA ILE A 377 8.23 26.61 -11.12
C ILE A 377 8.99 26.05 -9.93
N GLY A 378 8.64 26.51 -8.73
CA GLY A 378 9.31 26.04 -7.53
C GLY A 378 10.55 26.84 -7.17
N GLU A 379 10.55 27.46 -6.00
CA GLU A 379 11.69 28.28 -5.60
C GLU A 379 13.04 27.63 -5.87
N LYS A 380 13.15 26.34 -5.61
CA LYS A 380 14.42 25.66 -5.87
C LYS A 380 14.92 25.89 -7.28
N TYR A 381 14.07 25.66 -8.26
CA TYR A 381 14.43 25.82 -9.65
C TYR A 381 14.42 27.27 -10.10
N TRP A 382 13.69 28.09 -9.34
CA TRP A 382 13.61 29.51 -9.65
C TRP A 382 14.99 30.09 -9.39
N LYS A 383 15.63 29.62 -8.34
CA LYS A 383 16.97 30.08 -8.01
C LYS A 383 17.97 29.55 -9.00
N ILE A 384 17.80 28.29 -9.41
CA ILE A 384 18.72 27.66 -10.34
C ILE A 384 18.83 28.54 -11.57
N HIS A 385 17.68 29.07 -11.99
CA HIS A 385 17.64 29.95 -13.13
C HIS A 385 18.41 31.22 -12.86
N LEU A 386 18.05 31.88 -11.75
CA LEU A 386 18.68 33.13 -11.36
C LEU A 386 20.20 33.03 -11.35
N GLY A 387 20.75 31.85 -11.08
CA GLY A 387 22.18 31.74 -11.09
C GLY A 387 22.72 31.12 -12.38
N SER A 388 21.84 30.85 -13.35
CA SER A 388 22.28 30.24 -14.60
C SER A 388 23.05 31.25 -15.42
N ARG A 389 23.94 30.77 -16.27
CA ARG A 389 24.72 31.68 -17.11
C ARG A 389 23.79 32.42 -18.04
N ARG A 390 22.66 31.80 -18.33
CA ARG A 390 21.67 32.40 -19.21
C ARG A 390 21.21 33.71 -18.60
N HIS A 391 20.65 33.61 -17.41
CA HIS A 391 20.17 34.76 -16.66
C HIS A 391 21.32 35.72 -16.42
N LYS A 392 22.44 35.20 -15.92
CA LYS A 392 23.61 36.03 -15.66
C LYS A 392 23.99 36.86 -16.88
N SER A 393 24.31 36.19 -17.98
CA SER A 393 24.68 36.89 -19.22
C SER A 393 23.65 37.95 -19.59
N ASN A 394 22.37 37.61 -19.46
CA ASN A 394 21.27 38.54 -19.78
C ASN A 394 21.26 39.73 -18.83
N LEU A 395 21.67 39.50 -17.59
CA LEU A 395 21.68 40.57 -16.60
C LEU A 395 22.88 41.48 -16.79
N LYS A 396 23.85 41.03 -17.59
CA LYS A 396 25.04 41.82 -17.86
C LYS A 396 24.75 42.83 -18.95
N ARG A 397 24.17 42.36 -20.04
CA ARG A 397 23.85 43.24 -21.15
C ARG A 397 22.89 44.31 -20.64
N ASN A 398 22.01 43.91 -19.73
CA ASN A 398 21.06 44.84 -19.18
C ASN A 398 21.74 45.93 -18.38
N THR A 399 22.49 45.53 -17.36
CA THR A 399 23.22 46.47 -16.53
C THR A 399 24.15 47.35 -17.35
N ARG A 400 25.00 46.70 -18.15
CA ARG A 400 25.94 47.42 -19.00
C ARG A 400 25.23 48.48 -19.84
N GLN A 401 24.02 48.17 -20.29
CA GLN A 401 23.25 49.11 -21.10
C GLN A 401 22.78 50.29 -20.25
N ALA A 402 22.32 49.99 -19.05
CA ALA A 402 21.84 51.02 -18.14
C ALA A 402 22.95 51.98 -17.80
N ASP A 403 24.18 51.47 -17.71
CA ASP A 403 25.31 52.32 -17.40
C ASP A 403 25.57 53.29 -18.55
N PHE A 404 25.07 52.94 -19.73
CA PHE A 404 25.21 53.79 -20.91
C PHE A 404 24.07 54.79 -20.89
N GLU A 405 23.45 54.93 -19.74
CA GLU A 405 22.35 55.87 -19.57
C GLU A 405 22.76 56.85 -18.50
N LYS A 406 23.39 56.33 -17.46
CA LYS A 406 23.84 57.18 -16.37
C LYS A 406 24.89 58.11 -16.96
N TRP A 407 25.70 57.55 -17.87
CA TRP A 407 26.76 58.29 -18.52
C TRP A 407 26.09 59.24 -19.50
N LYS A 408 24.97 58.81 -20.04
CA LYS A 408 24.22 59.61 -20.99
C LYS A 408 23.72 60.93 -20.39
N ILE A 409 23.58 60.96 -19.06
CA ILE A 409 23.10 62.16 -18.38
C ILE A 409 24.09 62.61 -17.29
N SER C 1 -8.28 12.09 -1.39
CA SER C 1 -9.66 11.93 -0.87
C SER C 1 -9.71 12.24 0.63
N LYS C 2 -10.74 11.74 1.31
CA LYS C 2 -10.91 11.94 2.75
C LYS C 2 -9.76 11.30 3.50
N LYS C 3 -8.97 12.13 4.18
CA LYS C 3 -7.83 11.65 4.92
C LYS C 3 -8.24 11.16 6.30
N VAL C 4 -7.47 10.21 6.84
CA VAL C 4 -7.69 9.64 8.17
C VAL C 4 -6.37 9.21 8.79
N ILE C 5 -5.97 9.85 9.88
CA ILE C 5 -4.73 9.50 10.56
C ILE C 5 -4.98 8.50 11.69
N VAL C 6 -4.10 7.53 11.86
CA VAL C 6 -4.23 6.53 12.92
C VAL C 6 -2.90 6.38 13.65
N ILE C 7 -2.92 6.58 14.96
CA ILE C 7 -1.73 6.48 15.80
C ILE C 7 -1.76 5.15 16.57
N ALA C 8 -0.78 4.30 16.29
CA ALA C 8 -0.68 2.99 16.94
C ALA C 8 0.57 2.96 17.78
N GLY C 9 0.69 1.94 18.62
CA GLY C 9 1.87 1.83 19.47
C GLY C 9 1.55 1.10 20.76
N THR C 10 2.59 0.67 21.48
CA THR C 10 2.39 -0.04 22.73
C THR C 10 1.81 0.90 23.78
N THR C 11 1.39 0.33 24.91
CA THR C 11 0.83 1.13 26.00
C THR C 11 1.93 1.91 26.70
N GLY C 12 1.67 3.20 26.92
CA GLY C 12 2.65 4.03 27.60
C GLY C 12 3.73 4.61 26.71
N VAL C 13 3.38 4.94 25.47
CA VAL C 13 4.34 5.54 24.55
C VAL C 13 3.94 6.98 24.27
N GLY C 14 2.78 7.40 24.78
CA GLY C 14 2.35 8.77 24.55
C GLY C 14 1.48 8.94 23.32
N LYS C 15 0.69 7.93 23.00
CA LYS C 15 -0.17 8.03 21.84
C LYS C 15 -1.16 9.19 22.00
N SER C 16 -1.92 9.16 23.09
CA SER C 16 -2.90 10.22 23.31
C SER C 16 -2.24 11.58 23.28
N GLN C 17 -1.17 11.77 24.03
CA GLN C 17 -0.52 13.06 24.06
C GLN C 17 -0.19 13.56 22.65
N LEU C 18 0.21 12.64 21.78
CA LEU C 18 0.53 13.02 20.41
C LEU C 18 -0.74 13.27 19.64
N SER C 19 -1.76 12.45 19.87
CA SER C 19 -3.01 12.60 19.15
C SER C 19 -3.56 14.01 19.28
N ILE C 20 -3.41 14.58 20.47
CA ILE C 20 -3.90 15.93 20.74
C ILE C 20 -3.13 16.93 19.88
N GLN C 21 -1.82 16.93 20.02
CA GLN C 21 -0.97 17.84 19.24
C GLN C 21 -1.38 17.86 17.78
N LEU C 22 -1.43 16.68 17.17
CA LEU C 22 -1.83 16.60 15.76
C LEU C 22 -3.24 17.11 15.58
N ALA C 23 -4.13 16.79 16.51
CA ALA C 23 -5.52 17.25 16.42
C ALA C 23 -5.61 18.78 16.33
N GLN C 24 -4.86 19.47 17.20
CA GLN C 24 -4.86 20.93 17.21
C GLN C 24 -4.27 21.45 15.90
N LYS C 25 -3.00 21.14 15.72
CA LYS C 25 -2.25 21.53 14.53
C LYS C 25 -2.97 21.29 13.19
N PHE C 26 -3.68 20.18 13.06
CA PHE C 26 -4.35 19.88 11.80
C PHE C 26 -5.87 19.88 11.81
N ASN C 27 -6.45 20.44 12.87
CA ASN C 27 -7.91 20.52 13.02
C ASN C 27 -8.55 19.16 12.88
N GLY C 28 -8.53 18.38 13.97
CA GLY C 28 -9.13 17.07 13.93
C GLY C 28 -9.70 16.66 15.27
N GLU C 29 -10.36 15.49 15.30
CA GLU C 29 -10.97 14.97 16.51
C GLU C 29 -10.52 13.54 16.77
N VAL C 30 -10.31 13.22 18.05
CA VAL C 30 -9.85 11.90 18.46
C VAL C 30 -10.97 10.88 18.46
N ILE C 31 -10.64 9.66 18.03
CA ILE C 31 -11.59 8.57 17.98
C ILE C 31 -10.91 7.42 18.69
N ASN C 32 -11.15 7.28 19.99
CA ASN C 32 -10.52 6.21 20.74
C ASN C 32 -10.74 4.81 20.16
N SER C 33 -9.73 3.96 20.29
CA SER C 33 -9.80 2.60 19.80
C SER C 33 -9.23 1.68 20.87
N ASP C 34 -9.58 1.97 22.12
CA ASP C 34 -9.11 1.18 23.23
C ASP C 34 -10.26 0.37 23.82
N SER C 35 -10.22 -0.93 23.56
CA SER C 35 -11.24 -1.85 24.04
C SER C 35 -11.70 -1.64 25.50
N MET C 36 -10.87 -1.04 26.33
CA MET C 36 -11.29 -0.84 27.71
C MET C 36 -11.76 0.57 27.99
N GLN C 37 -11.11 1.55 27.35
CA GLN C 37 -11.47 2.94 27.57
C GLN C 37 -12.86 3.26 27.10
N VAL C 38 -13.55 2.29 26.52
CA VAL C 38 -14.90 2.56 26.07
C VAL C 38 -15.93 2.37 27.17
N TYR C 39 -15.47 1.99 28.36
CA TYR C 39 -16.40 1.78 29.47
C TYR C 39 -16.55 2.98 30.38
N LYS C 40 -17.74 3.11 30.95
CA LYS C 40 -18.08 4.20 31.86
C LYS C 40 -17.04 4.38 32.97
N ASP C 41 -16.81 5.64 33.35
CA ASP C 41 -15.88 5.97 34.41
C ASP C 41 -14.60 5.14 34.41
N ILE C 42 -14.21 4.67 35.60
CA ILE C 42 -13.01 3.86 35.80
C ILE C 42 -11.87 4.37 34.93
N PRO C 43 -11.47 5.65 35.12
CA PRO C 43 -10.39 6.30 34.37
C PRO C 43 -8.96 5.99 34.81
N ILE C 44 -8.65 6.15 36.09
CA ILE C 44 -7.29 5.88 36.56
C ILE C 44 -6.66 4.59 36.01
N ILE C 45 -7.24 3.44 36.32
CA ILE C 45 -6.66 2.18 35.86
C ILE C 45 -6.78 1.94 34.36
N THR C 46 -7.89 2.41 33.78
CA THR C 46 -8.13 2.25 32.35
C THR C 46 -7.33 3.34 31.64
N ASN C 47 -6.61 4.12 32.44
CA ASN C 47 -5.76 5.21 31.98
C ASN C 47 -6.33 6.04 30.84
N LYS C 48 -7.33 6.86 31.13
CA LYS C 48 -7.90 7.70 30.09
C LYS C 48 -7.13 9.01 30.11
N HIS C 49 -7.21 9.78 29.04
CA HIS C 49 -6.52 11.06 28.96
C HIS C 49 -7.39 12.14 29.61
N PRO C 50 -6.88 12.76 30.69
CA PRO C 50 -7.61 13.80 31.42
C PRO C 50 -8.12 14.95 30.55
N LEU C 51 -9.32 15.43 30.84
CA LEU C 51 -9.90 16.51 30.07
C LEU C 51 -8.99 17.74 30.02
N GLN C 52 -8.47 18.13 31.18
CA GLN C 52 -7.59 19.30 31.26
C GLN C 52 -6.34 19.14 30.40
N GLU C 53 -6.30 18.10 29.58
CA GLU C 53 -5.15 17.85 28.71
C GLU C 53 -5.57 17.46 27.31
N ARG C 54 -6.83 17.71 26.98
CA ARG C 54 -7.33 17.38 25.65
C ARG C 54 -7.50 18.64 24.81
N GLU C 55 -7.11 19.77 25.39
CA GLU C 55 -7.19 21.07 24.73
C GLU C 55 -8.55 21.28 24.11
N GLY C 56 -9.53 20.58 24.66
CA GLY C 56 -10.89 20.71 24.16
C GLY C 56 -11.14 19.92 22.89
N ILE C 57 -10.15 19.15 22.46
CA ILE C 57 -10.29 18.35 21.26
C ILE C 57 -11.34 17.26 21.47
N PRO C 58 -12.37 17.24 20.63
CA PRO C 58 -13.45 16.25 20.73
C PRO C 58 -12.97 14.80 20.70
N HIS C 59 -13.59 13.93 21.49
CA HIS C 59 -13.22 12.53 21.48
C HIS C 59 -14.46 11.68 21.23
N HIS C 60 -14.33 10.61 20.46
CA HIS C 60 -15.49 9.77 20.16
C HIS C 60 -15.24 8.33 20.53
N VAL C 61 -16.29 7.52 20.60
CA VAL C 61 -16.17 6.11 20.94
C VAL C 61 -15.28 5.87 22.16
N MET C 62 -15.59 6.57 23.24
CA MET C 62 -14.78 6.46 24.43
C MET C 62 -15.62 6.80 25.65
N ASN C 63 -15.58 5.94 26.66
CA ASN C 63 -16.33 6.13 27.90
C ASN C 63 -17.83 6.38 27.65
N HIS C 64 -18.50 5.37 27.09
CA HIS C 64 -19.91 5.51 26.77
C HIS C 64 -20.63 4.18 26.91
N VAL C 65 -19.89 3.14 27.28
CA VAL C 65 -20.49 1.83 27.43
C VAL C 65 -20.65 1.49 28.90
N ASP C 66 -21.82 0.95 29.25
CA ASP C 66 -22.11 0.60 30.64
C ASP C 66 -21.52 -0.76 31.00
N TRP C 67 -21.04 -0.90 32.23
CA TRP C 67 -20.42 -2.15 32.68
C TRP C 67 -21.32 -3.37 32.50
N SER C 68 -22.59 -3.12 32.21
CA SER C 68 -23.56 -4.19 32.03
C SER C 68 -23.50 -4.84 30.66
N GLU C 69 -22.95 -4.11 29.68
CA GLU C 69 -22.83 -4.60 28.30
C GLU C 69 -21.39 -4.93 27.93
N GLU C 70 -21.24 -5.70 26.87
CA GLU C 70 -19.92 -6.10 26.40
C GLU C 70 -19.57 -5.52 25.03
N TYR C 71 -18.52 -4.72 24.96
CA TYR C 71 -18.09 -4.11 23.71
C TYR C 71 -17.46 -5.18 22.81
N TYR C 72 -17.28 -4.87 21.52
CA TYR C 72 -16.65 -5.81 20.61
C TYR C 72 -16.44 -5.22 19.21
N SER C 73 -15.75 -5.97 18.36
CA SER C 73 -15.44 -5.55 17.00
C SER C 73 -16.51 -4.76 16.25
N HIS C 74 -17.57 -5.45 15.84
CA HIS C 74 -18.66 -4.81 15.10
C HIS C 74 -19.29 -3.62 15.83
N ARG C 75 -19.15 -3.59 17.15
CA ARG C 75 -19.69 -2.48 17.94
C ARG C 75 -18.78 -1.29 17.71
N PHE C 76 -17.51 -1.57 17.39
CA PHE C 76 -16.51 -0.55 17.13
C PHE C 76 -16.60 -0.11 15.68
N GLU C 77 -16.84 -1.05 14.79
CA GLU C 77 -16.92 -0.74 13.37
C GLU C 77 -18.02 0.27 13.06
N THR C 78 -19.19 0.07 13.64
CA THR C 78 -20.29 0.99 13.40
C THR C 78 -20.03 2.33 14.09
N GLU C 79 -19.58 2.29 15.33
CA GLU C 79 -19.30 3.51 16.08
C GLU C 79 -18.14 4.31 15.53
N CYS C 80 -17.07 3.61 15.16
CA CYS C 80 -15.89 4.25 14.61
C CYS C 80 -16.20 4.90 13.26
N MET C 81 -16.84 4.15 12.39
CA MET C 81 -17.21 4.65 11.07
C MET C 81 -18.12 5.88 11.15
N ASN C 82 -19.12 5.84 12.02
CA ASN C 82 -20.03 6.99 12.19
C ASN C 82 -19.21 8.22 12.52
N ALA C 83 -18.27 8.07 13.44
CA ALA C 83 -17.40 9.18 13.83
C ALA C 83 -16.62 9.70 12.64
N ILE C 84 -16.02 8.78 11.88
CA ILE C 84 -15.26 9.13 10.70
C ILE C 84 -16.16 9.93 9.80
N GLU C 85 -17.29 9.35 9.43
CA GLU C 85 -18.29 9.99 8.57
C GLU C 85 -18.52 11.43 9.05
N ASP C 86 -19.01 11.54 10.28
CA ASP C 86 -19.30 12.82 10.92
C ASP C 86 -18.14 13.79 10.89
N ILE C 87 -17.01 13.44 11.49
CA ILE C 87 -15.85 14.31 11.51
C ILE C 87 -15.46 14.81 10.10
N HIS C 88 -15.69 13.98 9.09
CA HIS C 88 -15.39 14.34 7.70
C HIS C 88 -16.34 15.40 7.18
N ARG C 89 -17.64 15.12 7.29
CA ARG C 89 -18.66 16.04 6.83
C ARG C 89 -18.73 17.26 7.73
N ARG C 90 -17.58 17.65 8.26
CA ARG C 90 -17.51 18.83 9.10
C ARG C 90 -16.19 19.51 8.84
N GLY C 91 -15.49 19.05 7.81
CA GLY C 91 -14.21 19.65 7.47
C GLY C 91 -13.07 19.23 8.37
N LYS C 92 -13.36 18.40 9.36
CA LYS C 92 -12.34 17.94 10.28
C LYS C 92 -11.70 16.65 9.82
N ILE C 93 -10.56 16.32 10.42
CA ILE C 93 -9.83 15.12 10.09
C ILE C 93 -9.72 14.17 11.31
N PRO C 94 -10.33 12.97 11.24
CA PRO C 94 -10.33 11.96 12.28
C PRO C 94 -8.93 11.47 12.66
N ILE C 95 -8.77 11.11 13.92
CA ILE C 95 -7.49 10.62 14.40
C ILE C 95 -7.77 9.50 15.38
N VAL C 96 -7.85 8.26 14.88
CA VAL C 96 -8.13 7.11 15.73
C VAL C 96 -6.89 6.71 16.53
N VAL C 97 -7.01 6.74 17.86
CA VAL C 97 -5.91 6.45 18.77
C VAL C 97 -6.25 5.42 19.83
N GLY C 98 -5.49 4.33 19.87
CA GLY C 98 -5.74 3.30 20.85
C GLY C 98 -4.71 2.19 20.78
N GLY C 99 -4.71 1.34 21.80
CA GLY C 99 -3.77 0.23 21.85
C GLY C 99 -4.37 -1.07 21.37
N THR C 100 -5.68 -1.06 21.11
CA THR C 100 -6.36 -2.27 20.64
C THR C 100 -6.23 -2.32 19.12
N HIS C 101 -5.00 -2.51 18.66
CA HIS C 101 -4.71 -2.56 17.23
C HIS C 101 -5.59 -3.51 16.45
N TYR C 102 -6.16 -4.48 17.14
CA TYR C 102 -7.03 -5.44 16.49
C TYR C 102 -8.20 -4.74 15.82
N TYR C 103 -8.87 -3.85 16.55
CA TYR C 103 -10.02 -3.13 16.01
C TYR C 103 -9.70 -2.40 14.71
N LEU C 104 -8.46 -1.97 14.58
CA LEU C 104 -8.04 -1.25 13.40
C LEU C 104 -8.44 -1.95 12.12
N GLN C 105 -8.56 -3.28 12.16
CA GLN C 105 -8.94 -4.06 10.97
C GLN C 105 -10.17 -3.49 10.27
N THR C 106 -11.02 -2.81 11.03
CA THR C 106 -12.21 -2.22 10.47
C THR C 106 -11.82 -1.19 9.40
N LEU C 107 -10.63 -0.58 9.56
CA LEU C 107 -10.16 0.44 8.61
C LEU C 107 -9.86 -0.10 7.22
N PHE C 108 -9.86 -1.43 7.10
CA PHE C 108 -9.60 -2.09 5.83
C PHE C 108 -10.36 -3.41 5.69
N ASN C 109 -11.69 -3.32 5.80
CA ASN C 109 -12.59 -4.47 5.67
C ASN C 109 -11.99 -5.84 5.99
N LYS C 110 -11.70 -6.08 7.25
CA LYS C 110 -11.12 -7.35 7.64
C LYS C 110 -12.05 -7.97 8.65
N ARG C 111 -13.26 -8.33 8.21
CA ARG C 111 -14.24 -8.95 9.10
C ARG C 111 -15.36 -9.56 8.29
N VAL C 112 -16.28 -10.24 8.97
CA VAL C 112 -17.41 -10.88 8.30
C VAL C 112 -18.69 -10.37 8.93
N ASP C 113 -19.60 -9.86 8.10
CA ASP C 113 -20.89 -9.35 8.58
C ASP C 113 -21.94 -10.46 8.67
N THR C 114 -22.13 -10.98 9.86
CA THR C 114 -23.11 -12.05 10.10
C THR C 114 -24.40 -11.48 10.64
N LYS C 115 -24.42 -10.17 10.83
CA LYS C 115 -25.59 -9.47 11.36
C LYS C 115 -26.63 -9.23 10.26
N SER C 116 -26.27 -8.43 9.26
CA SER C 116 -27.17 -8.12 8.16
C SER C 116 -27.69 -9.38 7.49
N SER C 117 -26.93 -10.46 7.60
CA SER C 117 -27.32 -11.75 7.02
C SER C 117 -27.99 -12.64 8.07
N GLU C 118 -29.22 -12.30 8.43
CA GLU C 118 -29.97 -13.06 9.42
C GLU C 118 -30.29 -14.46 8.89
N ARG C 119 -30.44 -15.40 9.81
CA ARG C 119 -30.75 -16.77 9.45
C ARG C 119 -31.10 -17.57 10.71
N LYS C 120 -32.35 -17.99 10.80
CA LYS C 120 -32.79 -18.76 11.95
C LYS C 120 -31.94 -20.02 12.14
N LEU C 121 -31.11 -20.03 13.18
CA LEU C 121 -30.28 -21.18 13.48
C LEU C 121 -31.14 -22.41 13.82
N THR C 122 -30.73 -23.56 13.33
CA THR C 122 -31.46 -24.81 13.57
C THR C 122 -31.07 -25.50 14.88
N ARG C 123 -32.05 -26.17 15.48
CA ARG C 123 -31.86 -26.91 16.73
C ARG C 123 -30.60 -27.75 16.57
N LYS C 124 -30.47 -28.37 15.40
CA LYS C 124 -29.33 -29.23 15.11
C LYS C 124 -28.03 -28.44 15.14
N GLN C 125 -28.01 -27.33 14.42
CA GLN C 125 -26.84 -26.46 14.34
C GLN C 125 -26.45 -25.95 15.72
N LEU C 126 -27.42 -25.38 16.42
CA LEU C 126 -27.19 -24.86 17.75
C LEU C 126 -26.64 -25.92 18.70
N ASP C 127 -27.30 -27.06 18.74
CA ASP C 127 -26.86 -28.15 19.61
C ASP C 127 -25.38 -28.46 19.43
N ILE C 128 -24.87 -28.20 18.23
CA ILE C 128 -23.46 -28.43 17.93
C ILE C 128 -22.65 -27.27 18.51
N LEU C 129 -23.09 -26.05 18.24
CA LEU C 129 -22.40 -24.86 18.74
C LEU C 129 -22.31 -24.85 20.25
N GLU C 130 -23.48 -24.76 20.88
CA GLU C 130 -23.54 -24.72 22.33
C GLU C 130 -23.43 -26.12 22.92
N SER C 131 -22.52 -26.92 22.37
CA SER C 131 -22.32 -28.28 22.84
C SER C 131 -21.31 -28.29 24.00
N THR C 132 -21.53 -29.16 24.98
CA THR C 132 -20.65 -29.28 26.14
C THR C 132 -19.26 -29.81 25.75
N ASP C 133 -19.23 -30.73 24.79
CA ASP C 133 -17.97 -31.30 24.32
C ASP C 133 -17.18 -30.27 23.52
N PRO C 134 -15.85 -30.26 23.68
CA PRO C 134 -15.00 -29.30 22.96
C PRO C 134 -14.66 -29.68 21.52
N ASP C 135 -14.07 -30.86 21.33
CA ASP C 135 -13.67 -31.34 20.02
C ASP C 135 -14.83 -31.70 19.07
N VAL C 136 -16.06 -31.64 19.55
CA VAL C 136 -17.22 -31.95 18.71
C VAL C 136 -17.47 -30.82 17.72
N ILE C 137 -17.41 -29.58 18.20
CA ILE C 137 -17.64 -28.44 17.33
C ILE C 137 -16.54 -28.30 16.28
N TYR C 138 -15.34 -28.77 16.60
CA TYR C 138 -14.22 -28.70 15.68
C TYR C 138 -14.44 -29.67 14.54
N ASN C 139 -14.71 -30.93 14.89
CA ASN C 139 -14.92 -31.96 13.90
C ASN C 139 -16.04 -31.57 12.93
N THR C 140 -16.99 -30.80 13.44
CA THR C 140 -18.10 -30.36 12.61
C THR C 140 -17.54 -29.43 11.55
N LEU C 141 -16.70 -28.49 11.99
CA LEU C 141 -16.10 -27.53 11.07
C LEU C 141 -15.20 -28.26 10.09
N VAL C 142 -14.39 -29.17 10.61
CA VAL C 142 -13.49 -29.94 9.77
C VAL C 142 -14.23 -30.62 8.65
N LYS C 143 -15.50 -30.93 8.90
CA LYS C 143 -16.33 -31.59 7.93
C LYS C 143 -16.79 -30.59 6.87
N CYS C 144 -17.54 -29.58 7.28
CA CYS C 144 -18.00 -28.59 6.33
C CYS C 144 -16.97 -27.46 6.20
N ASP C 145 -16.18 -27.50 5.14
CA ASP C 145 -15.13 -26.50 4.90
C ASP C 145 -13.91 -26.74 5.80
N PRO C 146 -13.13 -27.79 5.48
CA PRO C 146 -11.93 -28.14 6.23
C PRO C 146 -10.77 -27.19 5.99
N ASP C 147 -10.82 -26.40 4.93
CA ASP C 147 -9.73 -25.49 4.66
C ASP C 147 -9.60 -24.38 5.69
N ILE C 148 -10.67 -24.10 6.41
CA ILE C 148 -10.62 -23.06 7.43
C ILE C 148 -10.30 -23.72 8.77
N ALA C 149 -10.75 -24.95 8.90
CA ALA C 149 -10.54 -25.69 10.13
C ALA C 149 -9.09 -26.09 10.29
N THR C 150 -8.31 -25.95 9.23
CA THR C 150 -6.91 -26.32 9.27
C THR C 150 -6.05 -25.12 9.65
N LYS C 151 -6.68 -23.98 9.82
CA LYS C 151 -5.93 -22.80 10.19
C LYS C 151 -6.15 -22.51 11.66
N TYR C 152 -6.96 -23.34 12.31
CA TYR C 152 -7.22 -23.15 13.74
C TYR C 152 -6.95 -24.42 14.52
N HIS C 153 -6.30 -24.28 15.66
CA HIS C 153 -6.00 -25.43 16.50
C HIS C 153 -7.31 -25.95 17.09
N PRO C 154 -7.44 -27.29 17.22
CA PRO C 154 -8.66 -27.89 17.77
C PRO C 154 -9.00 -27.51 19.21
N ASN C 155 -8.19 -26.66 19.82
CA ASN C 155 -8.45 -26.22 21.18
C ASN C 155 -8.85 -24.76 21.24
N ASP C 156 -8.75 -24.07 20.11
CA ASP C 156 -9.09 -22.65 20.02
C ASP C 156 -10.60 -22.55 19.91
N TYR C 157 -11.27 -22.91 21.00
CA TYR C 157 -12.73 -22.90 21.07
C TYR C 157 -13.39 -21.62 20.58
N ARG C 158 -13.04 -20.49 21.20
CA ARG C 158 -13.64 -19.22 20.81
C ARG C 158 -13.73 -19.03 19.30
N ARG C 159 -12.59 -19.17 18.63
CA ARG C 159 -12.53 -18.98 17.20
C ARG C 159 -13.12 -20.11 16.36
N VAL C 160 -12.72 -21.35 16.66
CA VAL C 160 -13.25 -22.48 15.91
C VAL C 160 -14.77 -22.38 15.91
N GLN C 161 -15.30 -21.96 17.04
CA GLN C 161 -16.74 -21.80 17.18
C GLN C 161 -17.23 -20.72 16.25
N ARG C 162 -16.54 -19.59 16.30
CA ARG C 162 -16.87 -18.44 15.48
C ARG C 162 -16.96 -18.81 14.02
N MET C 163 -15.96 -19.53 13.56
CA MET C 163 -15.94 -19.93 12.16
C MET C 163 -17.18 -20.70 11.77
N LEU C 164 -17.59 -21.63 12.63
CA LEU C 164 -18.78 -22.46 12.37
C LEU C 164 -20.03 -21.60 12.39
N GLU C 165 -20.07 -20.64 13.29
CA GLU C 165 -21.19 -19.74 13.42
C GLU C 165 -21.38 -18.97 12.12
N ILE C 166 -20.29 -18.73 11.41
CA ILE C 166 -20.34 -18.01 10.15
C ILE C 166 -20.83 -18.93 9.05
N TYR C 167 -20.30 -20.14 9.02
CA TYR C 167 -20.70 -21.12 8.01
C TYR C 167 -22.22 -21.31 8.01
N TYR C 168 -22.85 -21.04 9.15
CA TYR C 168 -24.28 -21.20 9.27
C TYR C 168 -25.02 -19.93 8.87
N LYS C 169 -24.84 -18.87 9.65
CA LYS C 169 -25.51 -17.60 9.40
C LYS C 169 -25.37 -17.08 7.97
N THR C 170 -24.28 -17.46 7.29
CA THR C 170 -24.03 -17.02 5.91
C THR C 170 -24.22 -18.17 4.92
N GLY C 171 -24.28 -19.39 5.44
CA GLY C 171 -24.44 -20.55 4.57
C GLY C 171 -23.34 -20.60 3.53
N LYS C 172 -22.24 -19.93 3.83
CA LYS C 172 -21.09 -19.87 2.93
C LYS C 172 -19.80 -20.27 3.66
N LYS C 173 -19.01 -21.14 3.04
CA LYS C 173 -17.75 -21.58 3.65
C LYS C 173 -16.91 -20.37 4.05
N PRO C 174 -16.54 -20.28 5.33
CA PRO C 174 -15.73 -19.14 5.78
C PRO C 174 -14.38 -19.07 5.05
N SER C 175 -13.81 -20.22 4.73
CA SER C 175 -12.53 -20.24 4.05
C SER C 175 -12.66 -19.52 2.73
N GLU C 176 -13.79 -19.69 2.06
CA GLU C 176 -14.03 -19.03 0.79
C GLU C 176 -14.29 -17.55 0.97
N THR C 177 -15.10 -17.20 1.96
CA THR C 177 -15.41 -15.80 2.22
C THR C 177 -14.12 -14.99 2.36
N PHE C 178 -13.08 -15.64 2.87
CA PHE C 178 -11.80 -14.98 3.05
C PHE C 178 -11.03 -14.82 1.75
N ASN C 179 -11.10 -15.82 0.88
CA ASN C 179 -10.39 -15.72 -0.41
C ASN C 179 -11.09 -14.73 -1.32
N GLU C 180 -12.25 -14.27 -0.90
CA GLU C 180 -13.04 -13.32 -1.68
C GLU C 180 -13.08 -11.95 -1.01
N GLN C 181 -12.23 -11.75 -0.02
CA GLN C 181 -12.19 -10.47 0.67
C GLN C 181 -11.31 -9.48 -0.07
N LYS C 182 -11.42 -8.22 0.31
CA LYS C 182 -10.63 -7.17 -0.29
C LYS C 182 -9.44 -6.76 0.58
N ILE C 183 -9.73 -6.40 1.82
CA ILE C 183 -8.70 -5.97 2.75
C ILE C 183 -8.21 -4.56 2.38
N THR C 184 -8.59 -4.06 1.21
CA THR C 184 -8.17 -2.72 0.83
C THR C 184 -8.77 -1.73 1.82
N LEU C 185 -7.95 -0.88 2.40
CA LEU C 185 -8.46 0.07 3.38
C LEU C 185 -9.19 1.23 2.73
N LYS C 186 -10.32 1.63 3.33
CA LYS C 186 -11.10 2.75 2.81
C LYS C 186 -10.49 4.03 3.38
N PHE C 187 -10.70 5.14 2.68
CA PHE C 187 -10.12 6.41 3.14
C PHE C 187 -8.59 6.35 3.02
N ASP C 188 -8.00 7.48 2.62
CA ASP C 188 -6.55 7.58 2.50
C ASP C 188 -6.08 7.61 3.95
N THR C 189 -5.42 6.55 4.38
CA THR C 189 -4.98 6.47 5.76
C THR C 189 -3.48 6.61 5.98
N LEU C 190 -3.11 7.24 7.09
CA LEU C 190 -1.72 7.42 7.42
C LEU C 190 -1.48 6.74 8.74
N PHE C 191 -0.76 5.63 8.74
CA PHE C 191 -0.47 4.94 9.99
C PHE C 191 0.81 5.42 10.68
N LEU C 192 0.71 5.86 11.93
CA LEU C 192 1.89 6.30 12.68
C LEU C 192 2.14 5.32 13.85
N TRP C 193 3.36 4.79 13.95
CA TRP C 193 3.70 3.85 15.01
C TRP C 193 4.68 4.52 15.95
N LEU C 194 4.24 4.76 17.18
CA LEU C 194 5.06 5.43 18.17
C LEU C 194 5.69 4.29 18.95
N TYR C 195 7.00 4.09 18.74
CA TYR C 195 7.75 3.00 19.36
C TYR C 195 8.68 3.47 20.44
N SER C 196 9.16 2.51 21.23
CA SER C 196 10.08 2.77 22.32
C SER C 196 10.76 1.47 22.75
N LYS C 197 12.08 1.48 22.83
CA LYS C 197 12.82 0.29 23.25
C LYS C 197 12.12 -0.25 24.45
N PRO C 198 11.98 -1.58 24.52
CA PRO C 198 11.31 -2.27 25.64
C PRO C 198 11.86 -1.94 27.02
N GLU C 199 13.17 -2.00 27.16
CA GLU C 199 13.78 -1.75 28.45
C GLU C 199 13.30 -0.44 29.05
N PRO C 200 13.54 0.68 28.34
CA PRO C 200 13.08 1.96 28.88
C PRO C 200 11.60 1.98 29.16
N LEU C 201 10.83 1.51 28.20
CA LEU C 201 9.38 1.48 28.32
C LEU C 201 8.94 0.75 29.55
N PHE C 202 9.45 -0.45 29.72
CA PHE C 202 9.08 -1.28 30.87
C PHE C 202 9.28 -0.53 32.15
N GLN C 203 10.41 0.16 32.27
CA GLN C 203 10.68 0.91 33.48
C GLN C 203 9.56 1.92 33.74
N ARG C 204 9.21 2.69 32.71
CA ARG C 204 8.15 3.69 32.82
C ARG C 204 6.80 3.03 33.13
N LEU C 205 6.52 1.93 32.45
CA LEU C 205 5.28 1.18 32.66
C LEU C 205 5.16 0.73 34.12
N ASP C 206 6.28 0.37 34.72
CA ASP C 206 6.27 -0.07 36.12
C ASP C 206 5.97 1.11 37.04
N ASP C 207 6.66 2.23 36.81
CA ASP C 207 6.43 3.41 37.64
C ASP C 207 5.02 3.92 37.38
N ARG C 208 4.57 3.88 36.13
CA ARG C 208 3.24 4.38 35.86
C ARG C 208 2.21 3.55 36.60
N VAL C 209 2.51 2.29 36.82
CA VAL C 209 1.59 1.44 37.57
C VAL C 209 1.62 1.84 39.04
N ASP C 210 2.79 2.23 39.52
CA ASP C 210 2.95 2.64 40.91
C ASP C 210 2.19 3.90 41.20
N ASP C 211 2.62 4.99 40.58
CA ASP C 211 1.96 6.25 40.81
C ASP C 211 0.51 6.23 40.32
N MET C 212 0.07 5.05 39.88
CA MET C 212 -1.29 4.90 39.40
C MET C 212 -2.18 4.55 40.60
N LEU C 213 -1.58 3.87 41.58
CA LEU C 213 -2.28 3.47 42.79
C LEU C 213 -2.30 4.66 43.74
N GLU C 214 -1.25 5.49 43.63
CA GLU C 214 -1.12 6.68 44.45
C GLU C 214 -2.20 7.70 44.09
N ARG C 215 -2.68 7.68 42.85
CA ARG C 215 -3.71 8.61 42.42
C ARG C 215 -5.09 8.05 42.75
N GLY C 216 -5.13 6.99 43.53
CA GLY C 216 -6.42 6.43 43.91
C GLY C 216 -6.95 5.34 42.99
N ALA C 217 -6.12 4.35 42.73
CA ALA C 217 -6.50 3.25 41.86
C ALA C 217 -7.38 2.29 42.64
N LEU C 218 -7.00 2.06 43.89
CA LEU C 218 -7.73 1.17 44.78
C LEU C 218 -9.18 1.60 44.91
N GLN C 219 -9.42 2.91 44.95
CA GLN C 219 -10.78 3.43 45.06
C GLN C 219 -11.62 2.91 43.91
N GLU C 220 -11.02 2.83 42.73
CA GLU C 220 -11.67 2.33 41.53
C GLU C 220 -11.75 0.83 41.58
N ILE C 221 -10.71 0.19 42.09
CA ILE C 221 -10.68 -1.25 42.19
C ILE C 221 -11.82 -1.73 43.09
N LYS C 222 -11.98 -1.08 44.24
CA LYS C 222 -13.02 -1.42 45.21
C LYS C 222 -14.39 -1.14 44.62
N GLN C 223 -14.53 -0.02 43.93
CA GLN C 223 -15.79 0.33 43.31
C GLN C 223 -16.12 -0.79 42.33
N LEU C 224 -15.14 -1.15 41.53
CA LEU C 224 -15.31 -2.22 40.56
C LEU C 224 -15.70 -3.51 41.27
N TYR C 225 -15.14 -3.71 42.45
CA TYR C 225 -15.40 -4.90 43.26
C TYR C 225 -16.80 -4.83 43.86
N GLU C 226 -17.25 -3.62 44.12
CA GLU C 226 -18.58 -3.41 44.66
C GLU C 226 -19.58 -3.95 43.62
N TYR C 227 -19.51 -3.42 42.39
CA TYR C 227 -20.40 -3.84 41.32
C TYR C 227 -20.17 -5.33 41.07
N TYR C 228 -18.91 -5.73 41.09
CA TYR C 228 -18.53 -7.13 40.87
C TYR C 228 -19.26 -7.97 41.89
N SER C 229 -19.21 -7.52 43.14
CA SER C 229 -19.88 -8.20 44.23
C SER C 229 -21.36 -7.89 44.12
N GLN C 230 -22.16 -8.40 45.04
CA GLN C 230 -23.59 -8.18 45.00
C GLN C 230 -24.09 -8.32 43.56
N ASN C 231 -23.46 -9.23 42.83
CA ASN C 231 -23.82 -9.51 41.46
C ASN C 231 -23.43 -10.95 41.23
N LYS C 232 -22.99 -11.59 42.31
CA LYS C 232 -22.57 -12.98 42.31
C LYS C 232 -21.70 -13.34 41.11
N PHE C 233 -20.59 -12.62 40.98
CA PHE C 233 -19.66 -12.82 39.89
C PHE C 233 -18.48 -13.66 40.34
N THR C 234 -18.09 -14.63 39.50
CA THR C 234 -16.96 -15.50 39.81
C THR C 234 -15.73 -15.01 39.04
N PRO C 235 -14.53 -15.31 39.55
CA PRO C 235 -13.30 -14.89 38.87
C PRO C 235 -13.24 -15.29 37.39
N GLU C 236 -14.01 -16.30 37.02
CA GLU C 236 -14.00 -16.77 35.64
C GLU C 236 -14.86 -15.86 34.76
N GLN C 237 -15.35 -14.78 35.36
CA GLN C 237 -16.18 -13.83 34.63
C GLN C 237 -15.24 -12.79 34.05
N CYS C 238 -14.01 -12.77 34.56
CA CYS C 238 -13.03 -11.81 34.07
C CYS C 238 -12.53 -12.09 32.69
N GLU C 239 -13.44 -12.49 31.82
CA GLU C 239 -13.10 -12.78 30.45
C GLU C 239 -14.12 -12.09 29.57
N ASN C 240 -14.95 -11.26 30.20
CA ASN C 240 -16.00 -10.55 29.48
C ASN C 240 -15.99 -9.08 29.85
N GLY C 241 -16.27 -8.23 28.87
CA GLY C 241 -16.32 -6.79 29.13
C GLY C 241 -15.25 -6.20 30.01
N VAL C 242 -15.61 -5.18 30.76
CA VAL C 242 -14.66 -4.49 31.63
C VAL C 242 -13.88 -5.45 32.51
N TRP C 243 -14.49 -6.58 32.84
CA TRP C 243 -13.85 -7.55 33.70
C TRP C 243 -12.55 -8.10 33.12
N GLN C 244 -12.19 -7.66 31.93
CA GLN C 244 -10.97 -8.13 31.31
C GLN C 244 -9.84 -7.17 31.62
N VAL C 245 -10.15 -5.90 31.79
CA VAL C 245 -9.17 -4.86 32.07
C VAL C 245 -7.99 -5.28 32.96
N ILE C 246 -6.83 -4.66 32.74
CA ILE C 246 -5.67 -4.97 33.54
C ILE C 246 -5.63 -4.00 34.69
N GLY C 247 -6.16 -4.42 35.84
CA GLY C 247 -6.19 -3.57 37.01
C GLY C 247 -7.23 -3.99 38.02
N PHE C 248 -8.04 -4.95 37.63
CA PHE C 248 -9.08 -5.46 38.51
C PHE C 248 -8.80 -6.90 38.87
N LYS C 249 -8.97 -7.80 37.92
CA LYS C 249 -8.75 -9.23 38.15
C LYS C 249 -7.42 -9.56 38.86
N GLU C 250 -6.42 -8.71 38.69
CA GLU C 250 -5.13 -8.93 39.32
C GLU C 250 -5.20 -8.85 40.84
N PHE C 251 -6.10 -8.01 41.35
CA PHE C 251 -6.23 -7.86 42.78
C PHE C 251 -7.37 -8.70 43.36
N LEU C 252 -8.09 -9.41 42.50
CA LEU C 252 -9.20 -10.22 42.97
C LEU C 252 -8.84 -11.11 44.17
N PRO C 253 -7.66 -11.76 44.15
CA PRO C 253 -7.25 -12.61 45.27
C PRO C 253 -7.06 -11.81 46.55
N TRP C 254 -6.74 -10.52 46.40
CA TRP C 254 -6.55 -9.66 47.56
C TRP C 254 -7.91 -9.31 48.14
N LEU C 255 -8.87 -9.06 47.26
CA LEU C 255 -10.23 -8.74 47.64
C LEU C 255 -10.94 -10.05 48.00
N THR C 256 -10.17 -11.14 48.01
CA THR C 256 -10.69 -12.47 48.30
C THR C 256 -11.85 -12.79 47.36
N VAL C 264 1.57 -6.57 52.15
CA VAL C 264 1.56 -8.00 52.47
C VAL C 264 1.18 -8.85 51.24
N LYS C 265 -0.12 -8.91 50.95
CA LYS C 265 -0.61 -9.66 49.80
C LYS C 265 -0.91 -8.68 48.68
N LEU C 266 -1.41 -7.50 49.03
CA LEU C 266 -1.73 -6.48 48.03
C LEU C 266 -0.52 -6.22 47.14
N GLU C 267 0.67 -6.32 47.71
CA GLU C 267 1.88 -6.10 46.93
C GLU C 267 1.98 -7.08 45.78
N ASP C 268 1.72 -8.35 46.03
CA ASP C 268 1.79 -9.34 44.95
C ASP C 268 0.80 -9.05 43.87
N CYS C 269 -0.38 -8.56 44.24
CA CYS C 269 -1.39 -8.25 43.25
C CYS C 269 -0.96 -7.06 42.42
N ILE C 270 -0.05 -6.27 42.96
CA ILE C 270 0.44 -5.12 42.23
C ILE C 270 1.51 -5.59 41.26
N GLU C 271 2.40 -6.45 41.73
CA GLU C 271 3.45 -6.99 40.88
C GLU C 271 2.83 -7.82 39.77
N ARG C 272 1.71 -8.45 40.08
CA ARG C 272 1.02 -9.25 39.09
C ARG C 272 0.49 -8.32 38.00
N MET C 273 0.05 -7.12 38.39
CA MET C 273 -0.47 -6.15 37.46
C MET C 273 0.68 -5.62 36.62
N LYS C 274 1.81 -5.35 37.27
CA LYS C 274 2.96 -4.84 36.53
C LYS C 274 3.40 -5.83 35.46
N THR C 275 3.10 -7.11 35.68
CA THR C 275 3.46 -8.15 34.72
C THR C 275 2.47 -8.19 33.57
N ARG C 276 1.19 -8.16 33.88
CA ARG C 276 0.20 -8.17 32.81
C ARG C 276 0.45 -7.02 31.82
N THR C 277 0.72 -5.82 32.35
CA THR C 277 0.98 -4.65 31.53
C THR C 277 2.19 -4.88 30.65
N ARG C 278 3.29 -5.32 31.27
CA ARG C 278 4.54 -5.59 30.57
C ARG C 278 4.30 -6.58 29.42
N GLN C 279 3.61 -7.68 29.74
CA GLN C 279 3.29 -8.69 28.75
C GLN C 279 2.46 -8.07 27.63
N TYR C 280 1.44 -7.32 28.00
CA TYR C 280 0.57 -6.67 27.04
C TYR C 280 1.35 -5.83 26.04
N ALA C 281 2.29 -5.06 26.57
CA ALA C 281 3.12 -4.21 25.74
C ALA C 281 3.83 -5.06 24.74
N LYS C 282 4.41 -6.17 25.20
CA LYS C 282 5.15 -7.06 24.32
C LYS C 282 4.30 -7.67 23.23
N ARG C 283 3.11 -8.10 23.61
CA ARG C 283 2.17 -8.68 22.67
C ARG C 283 1.74 -7.63 21.64
N GLN C 284 1.63 -6.37 22.07
CA GLN C 284 1.22 -5.30 21.16
C GLN C 284 2.19 -5.14 20.01
N VAL C 285 3.48 -5.09 20.31
CA VAL C 285 4.48 -4.94 19.26
C VAL C 285 4.38 -6.12 18.32
N LYS C 286 4.18 -7.29 18.90
CA LYS C 286 4.06 -8.50 18.11
C LYS C 286 2.95 -8.35 17.08
N TRP C 287 1.78 -7.87 17.51
CA TRP C 287 0.66 -7.71 16.60
C TRP C 287 0.96 -6.71 15.50
N ILE C 288 1.59 -5.59 15.87
CA ILE C 288 1.91 -4.53 14.92
C ILE C 288 2.91 -4.98 13.86
N LYS C 289 3.80 -5.89 14.26
CA LYS C 289 4.83 -6.41 13.36
C LYS C 289 4.42 -7.65 12.60
N LYS C 290 3.50 -8.45 13.14
CA LYS C 290 3.07 -9.66 12.44
C LYS C 290 1.67 -9.57 11.85
N MET C 291 0.85 -8.68 12.39
CA MET C 291 -0.52 -8.52 11.90
C MET C 291 -0.73 -7.21 11.12
N LEU C 292 -0.70 -6.08 11.82
CA LEU C 292 -0.92 -4.77 11.24
C LEU C 292 -0.08 -4.46 10.02
N ILE C 293 1.20 -4.19 10.21
CA ILE C 293 2.10 -3.89 9.11
C ILE C 293 1.91 -4.80 7.87
N PRO C 294 2.02 -6.13 8.04
CA PRO C 294 1.85 -7.05 6.90
C PRO C 294 0.53 -6.84 6.17
N ASP C 295 -0.55 -6.64 6.94
CA ASP C 295 -1.87 -6.41 6.37
C ASP C 295 -1.92 -5.13 5.52
N ILE C 296 -1.30 -4.06 6.01
CA ILE C 296 -1.30 -2.81 5.27
C ILE C 296 -0.11 -2.70 4.32
N LYS C 297 0.37 -3.85 3.86
CA LYS C 297 1.49 -3.91 2.94
C LYS C 297 2.71 -3.15 3.43
N GLY C 298 2.71 -2.77 4.68
CA GLY C 298 3.86 -2.07 5.22
C GLY C 298 3.91 -0.59 4.97
N ASP C 299 2.75 0.04 4.86
CA ASP C 299 2.68 1.50 4.65
C ASP C 299 2.51 2.19 6.00
N ILE C 300 3.61 2.27 6.75
CA ILE C 300 3.58 2.88 8.07
C ILE C 300 4.86 3.65 8.35
N TYR C 301 4.77 4.67 9.20
CA TYR C 301 5.94 5.48 9.56
C TYR C 301 6.25 5.34 11.05
N LEU C 302 7.50 5.11 11.37
CA LEU C 302 7.85 4.96 12.76
C LEU C 302 8.22 6.29 13.41
N LEU C 303 8.04 6.36 14.72
CA LEU C 303 8.37 7.55 15.53
C LEU C 303 9.08 7.11 16.82
N ASP C 304 10.39 7.33 16.90
CA ASP C 304 11.14 6.93 18.09
C ASP C 304 10.79 7.71 19.32
N ALA C 305 10.16 7.06 20.29
CA ALA C 305 9.77 7.74 21.51
C ALA C 305 10.39 7.09 22.74
N THR C 306 11.63 6.65 22.55
CA THR C 306 12.40 6.02 23.60
C THR C 306 13.03 7.02 24.53
N ASP C 307 13.52 8.12 23.98
CA ASP C 307 14.18 9.17 24.77
C ASP C 307 13.24 10.36 24.98
N LEU C 308 12.36 10.23 25.96
CA LEU C 308 11.40 11.28 26.26
C LEU C 308 12.02 12.67 26.33
N SER C 309 13.27 12.74 26.78
CA SER C 309 13.96 14.03 26.90
C SER C 309 13.85 14.74 25.58
N GLN C 310 13.65 13.95 24.53
CA GLN C 310 13.51 14.47 23.19
C GLN C 310 12.03 14.64 22.89
N TRP C 311 11.42 13.62 22.30
CA TRP C 311 10.00 13.64 21.92
C TRP C 311 9.60 14.76 20.98
N ASP C 312 9.83 16.00 21.36
CA ASP C 312 9.49 17.12 20.52
C ASP C 312 10.10 16.99 19.14
N THR C 313 11.36 16.58 19.10
CA THR C 313 12.05 16.42 17.83
C THR C 313 11.73 15.12 17.12
N ASN C 314 11.90 14.01 17.83
CA ASN C 314 11.67 12.69 17.27
C ASN C 314 10.20 12.32 17.06
N ALA C 315 9.31 12.90 17.86
CA ALA C 315 7.88 12.60 17.73
C ALA C 315 7.10 13.75 17.13
N SER C 316 6.81 14.76 17.97
CA SER C 316 6.05 15.92 17.56
C SER C 316 6.36 16.38 16.15
N GLN C 317 7.58 16.89 15.95
CA GLN C 317 7.98 17.40 14.65
C GLN C 317 7.84 16.39 13.53
N ARG C 318 8.47 15.24 13.69
CA ARG C 318 8.43 14.19 12.67
C ARG C 318 6.99 13.88 12.31
N ALA C 319 6.13 13.74 13.32
CA ALA C 319 4.73 13.45 13.05
C ALA C 319 4.09 14.55 12.23
N ILE C 320 4.19 15.78 12.74
CA ILE C 320 3.64 16.93 12.06
C ILE C 320 4.16 17.00 10.64
N ALA C 321 5.44 16.70 10.48
CA ALA C 321 6.10 16.70 9.17
C ALA C 321 5.38 15.76 8.22
N ILE C 322 5.28 14.51 8.64
CA ILE C 322 4.61 13.53 7.84
C ILE C 322 3.15 13.96 7.64
N SER C 323 2.47 14.27 8.74
CA SER C 323 1.06 14.64 8.68
C SER C 323 0.76 15.82 7.77
N ASN C 324 1.64 16.79 7.79
CA ASN C 324 1.46 17.95 6.96
C ASN C 324 1.40 17.55 5.50
N ASP C 325 2.37 16.78 5.04
CA ASP C 325 2.38 16.34 3.65
C ASP C 325 1.19 15.43 3.39
N PHE C 326 0.90 14.56 4.33
CA PHE C 326 -0.22 13.64 4.15
C PHE C 326 -1.51 14.39 3.87
N ILE C 327 -1.88 15.26 4.81
CA ILE C 327 -3.10 16.03 4.66
C ILE C 327 -3.07 16.89 3.39
N SER C 328 -1.90 17.37 3.00
CA SER C 328 -1.76 18.20 1.80
C SER C 328 -1.82 17.34 0.55
N ASN C 329 -2.41 16.16 0.69
CA ASN C 329 -2.56 15.23 -0.41
C ASN C 329 -1.32 15.13 -1.28
N ARG C 330 -0.16 15.05 -0.63
CA ARG C 330 1.12 14.93 -1.32
C ARG C 330 1.84 13.69 -0.84
N PRO C 331 2.71 13.13 -1.68
CA PRO C 331 3.47 11.93 -1.33
C PRO C 331 4.52 12.29 -0.25
N ILE C 332 4.48 11.54 0.84
CA ILE C 332 5.37 11.77 1.96
C ILE C 332 6.84 11.61 1.58
N LYS C 333 7.66 12.60 1.93
CA LYS C 333 9.08 12.55 1.62
C LYS C 333 9.89 12.08 2.81
N GLN C 334 9.21 11.86 3.93
CA GLN C 334 9.87 11.44 5.15
C GLN C 334 10.45 10.04 5.05
N GLU C 335 11.55 9.84 5.76
CA GLU C 335 12.26 8.58 5.71
C GLU C 335 11.47 7.34 6.14
N ARG C 336 10.28 7.53 6.70
CA ARG C 336 9.46 6.37 7.09
C ARG C 336 9.97 5.57 8.29
N ALA C 337 11.25 5.68 8.61
CA ALA C 337 11.82 4.97 9.76
C ALA C 337 13.20 5.49 10.15
N PRO C 338 13.35 6.00 11.38
CA PRO C 338 14.63 6.52 11.85
C PRO C 338 15.66 5.41 11.99
N LYS C 339 16.85 5.63 11.43
CA LYS C 339 17.92 4.63 11.47
C LYS C 339 17.85 3.69 12.65
N ALA C 340 17.73 4.25 13.84
CA ALA C 340 17.68 3.44 15.03
C ALA C 340 16.64 2.34 15.01
N LEU C 341 15.48 2.60 14.44
CA LEU C 341 14.41 1.61 14.44
C LEU C 341 14.20 1.02 13.06
N GLU C 342 15.07 1.42 12.13
CA GLU C 342 14.99 0.97 10.75
C GLU C 342 14.73 -0.52 10.59
N GLU C 343 15.26 -1.33 11.48
CA GLU C 343 15.07 -2.77 11.40
C GLU C 343 13.65 -3.27 11.69
N LEU C 344 12.87 -2.48 12.43
CA LEU C 344 11.53 -2.90 12.79
C LEU C 344 10.62 -3.12 11.59
N LEU C 345 10.81 -2.35 10.54
CA LEU C 345 9.99 -2.46 9.34
C LEU C 345 10.53 -3.46 8.35
N SER C 346 11.66 -4.08 8.66
CA SER C 346 12.24 -5.05 7.73
C SER C 346 11.30 -6.25 7.59
N LYS C 347 11.46 -7.01 6.51
CA LYS C 347 10.61 -8.16 6.29
C LYS C 347 10.89 -9.20 7.36
N GLY C 348 12.16 -9.38 7.67
CA GLY C 348 12.50 -10.38 8.65
C GLY C 348 11.79 -10.23 9.98
N GLU C 349 11.62 -9.00 10.41
CA GLU C 349 10.95 -8.73 11.68
C GLU C 349 9.44 -8.70 11.55
N THR C 350 8.96 -8.74 10.30
CA THR C 350 7.55 -8.68 10.01
C THR C 350 6.96 -9.89 9.31
N THR C 351 6.51 -9.70 8.07
CA THR C 351 5.87 -10.78 7.29
C THR C 351 6.61 -12.10 7.30
N MET C 352 7.91 -12.03 7.51
CA MET C 352 8.76 -13.20 7.53
C MET C 352 8.44 -14.15 8.68
N LYS C 353 7.94 -13.60 9.79
CA LYS C 353 7.62 -14.40 10.95
C LYS C 353 6.26 -15.09 10.89
N LYS C 354 5.43 -14.66 9.96
CA LYS C 354 4.10 -15.23 9.82
C LYS C 354 4.10 -16.68 9.41
N LEU C 355 3.29 -17.46 10.11
CA LEU C 355 3.13 -18.89 9.87
C LEU C 355 2.46 -19.18 8.53
N ASP C 356 3.14 -19.94 7.68
CA ASP C 356 2.62 -20.32 6.37
C ASP C 356 2.25 -21.80 6.27
N ASP C 357 2.93 -22.63 7.04
CA ASP C 357 2.67 -24.06 7.04
C ASP C 357 1.50 -24.33 7.98
N TRP C 358 0.41 -24.89 7.48
CA TRP C 358 -0.74 -25.16 8.34
C TRP C 358 -1.09 -26.63 8.57
N THR C 359 -0.45 -27.54 7.84
CA THR C 359 -0.73 -28.97 7.99
C THR C 359 -0.63 -29.39 9.46
N HIS C 360 -1.68 -30.01 9.98
CA HIS C 360 -1.71 -30.44 11.37
C HIS C 360 -0.95 -31.74 11.61
N TYR C 361 -0.40 -31.88 12.79
CA TYR C 361 0.34 -33.07 13.14
C TYR C 361 -0.13 -33.50 14.51
N THR C 362 -0.21 -34.80 14.75
CA THR C 362 -0.67 -35.27 16.07
C THR C 362 0.34 -36.25 16.68
N CYS C 363 0.89 -35.89 17.82
CA CYS C 363 1.85 -36.76 18.50
C CYS C 363 1.10 -37.90 19.17
N ASN C 364 1.46 -39.13 18.84
CA ASN C 364 0.80 -40.31 19.42
C ASN C 364 1.37 -40.71 20.78
N VAL C 365 2.44 -40.06 21.21
CA VAL C 365 3.03 -40.37 22.49
C VAL C 365 2.82 -39.28 23.53
N CYS C 366 2.58 -38.06 23.07
CA CYS C 366 2.37 -36.93 23.98
C CYS C 366 0.90 -36.53 24.11
N ARG C 367 0.51 -36.14 25.31
CA ARG C 367 -0.86 -35.72 25.58
C ARG C 367 -0.88 -34.76 26.76
N ASN C 368 -1.70 -33.73 26.64
CA ASN C 368 -1.84 -32.68 27.65
C ASN C 368 -2.79 -33.02 28.78
N ALA C 369 -2.74 -32.20 29.83
CA ALA C 369 -3.56 -32.40 31.01
C ALA C 369 -5.03 -32.64 30.70
N ASP C 370 -5.50 -32.10 29.57
CA ASP C 370 -6.90 -32.28 29.19
C ASP C 370 -7.12 -33.65 28.59
N GLY C 371 -6.08 -34.48 28.60
CA GLY C 371 -6.19 -35.84 28.08
C GLY C 371 -5.97 -36.00 26.60
N LYS C 372 -6.18 -34.93 25.85
CA LYS C 372 -6.01 -34.93 24.40
C LYS C 372 -4.55 -35.07 24.00
N ASN C 373 -4.34 -35.54 22.78
CA ASN C 373 -2.97 -35.73 22.30
C ASN C 373 -2.46 -34.42 21.73
N VAL C 374 -1.16 -34.16 21.91
CA VAL C 374 -0.56 -32.94 21.39
C VAL C 374 -0.74 -32.82 19.89
N VAL C 375 -1.05 -31.61 19.42
CA VAL C 375 -1.25 -31.37 18.01
C VAL C 375 -0.50 -30.11 17.60
N ALA C 376 0.56 -30.27 16.81
CA ALA C 376 1.35 -29.14 16.37
C ALA C 376 0.92 -28.65 14.98
N ILE C 377 1.13 -27.37 14.70
CA ILE C 377 0.78 -26.82 13.40
C ILE C 377 2.03 -26.32 12.69
N GLY C 378 2.24 -26.82 11.48
CA GLY C 378 3.40 -26.42 10.71
C GLY C 378 4.59 -27.31 11.00
N GLU C 379 5.17 -27.88 9.94
CA GLU C 379 6.31 -28.76 10.08
C GLU C 379 7.39 -28.18 10.98
N LYS C 380 7.68 -26.89 10.81
CA LYS C 380 8.72 -26.27 11.63
C LYS C 380 8.52 -26.47 13.12
N TYR C 381 7.30 -26.23 13.58
CA TYR C 381 6.97 -26.37 14.99
C TYR C 381 6.68 -27.82 15.37
N TRP C 382 6.32 -28.64 14.39
CA TRP C 382 6.04 -30.06 14.60
C TRP C 382 7.34 -30.73 15.00
N LYS C 383 8.42 -30.29 14.38
CA LYS C 383 9.74 -30.81 14.69
C LYS C 383 10.19 -30.29 16.03
N ILE C 384 9.89 -29.02 16.33
CA ILE C 384 10.29 -28.43 17.60
C ILE C 384 9.79 -29.31 18.71
N HIS C 385 8.56 -29.77 18.56
CA HIS C 385 7.97 -30.63 19.55
C HIS C 385 8.68 -31.96 19.66
N LEU C 386 8.86 -32.61 18.52
CA LEU C 386 9.52 -33.90 18.46
C LEU C 386 10.87 -33.84 19.17
N GLY C 387 11.52 -32.70 19.13
CA GLY C 387 12.81 -32.60 19.79
C GLY C 387 12.75 -31.99 21.17
N SER C 388 11.55 -31.70 21.66
CA SER C 388 11.35 -31.11 22.97
C SER C 388 11.59 -32.14 24.06
N ARG C 389 12.05 -31.70 25.22
CA ARG C 389 12.29 -32.61 26.32
C ARG C 389 10.98 -33.26 26.73
N ARG C 390 9.87 -32.60 26.44
CA ARG C 390 8.57 -33.15 26.77
C ARG C 390 8.40 -34.46 25.99
N HIS C 391 8.41 -34.35 24.67
CA HIS C 391 8.29 -35.49 23.78
C HIS C 391 9.38 -36.51 24.11
N LYS C 392 10.64 -36.06 24.18
CA LYS C 392 11.76 -36.96 24.48
C LYS C 392 11.50 -37.78 25.73
N SER C 393 11.22 -37.12 26.84
CA SER C 393 10.95 -37.79 28.10
C SER C 393 9.82 -38.79 27.95
N ASN C 394 8.77 -38.38 27.24
CA ASN C 394 7.64 -39.27 27.03
C ASN C 394 8.04 -40.48 26.18
N LEU C 395 8.99 -40.29 25.28
CA LEU C 395 9.42 -41.37 24.40
C LEU C 395 10.36 -42.34 25.11
N LYS C 396 10.85 -41.93 26.27
CA LYS C 396 11.74 -42.78 27.03
C LYS C 396 10.91 -43.74 27.87
N ARG C 397 9.91 -43.22 28.57
CA ARG C 397 9.08 -44.08 29.41
C ARG C 397 8.43 -45.11 28.49
N ASN C 398 8.06 -44.69 27.29
CA ASN C 398 7.44 -45.59 26.34
C ASN C 398 8.38 -46.70 25.94
N THR C 399 9.55 -46.32 25.44
CA THR C 399 10.54 -47.30 25.01
C THR C 399 10.92 -48.22 26.14
N ARG C 400 11.30 -47.63 27.26
CA ARG C 400 11.72 -48.37 28.43
C ARG C 400 10.67 -49.41 28.85
N GLN C 401 9.40 -49.05 28.70
CA GLN C 401 8.31 -49.94 29.05
C GLN C 401 8.23 -51.10 28.08
N ALA C 402 8.39 -50.78 26.79
CA ALA C 402 8.34 -51.79 25.75
C ALA C 402 9.44 -52.81 25.95
N ASP C 403 10.57 -52.36 26.49
CA ASP C 403 11.74 -53.23 26.76
C ASP C 403 11.51 -54.17 27.93
N PHE C 404 10.82 -53.68 28.96
CA PHE C 404 10.53 -54.49 30.15
C PHE C 404 10.01 -55.86 29.75
N GLU C 405 9.39 -55.96 28.58
CA GLU C 405 8.88 -57.25 28.10
C GLU C 405 9.91 -57.96 27.26
N LYS C 406 10.57 -57.22 26.38
CA LYS C 406 11.60 -57.79 25.53
C LYS C 406 12.55 -58.62 26.39
N TRP C 407 12.90 -58.04 27.54
CA TRP C 407 13.79 -58.68 28.48
C TRP C 407 13.12 -59.89 29.12
N LYS C 408 11.80 -59.85 29.21
CA LYS C 408 11.03 -60.93 29.81
C LYS C 408 11.01 -62.17 28.91
N ILE C 409 11.64 -62.08 27.74
CA ILE C 409 11.68 -63.19 26.80
C ILE C 409 13.15 -63.50 26.44
#